data_1AQI
#
_entry.id   1AQI
#
_cell.length_a   132.080
_cell.length_b   144.060
_cell.length_c   53.440
_cell.angle_alpha   90.00
_cell.angle_beta   90.00
_cell.angle_gamma   90.00
#
_symmetry.space_group_name_H-M   'P 21 21 2'
#
loop_
_entity.id
_entity.type
_entity.pdbx_description
1 polymer 'ADENINE-N6-DNA-METHYLTRANSFERASE TAQI'
2 non-polymer S-ADENOSYL-L-HOMOCYSTEINE
3 water water
#
_entity_poly.entity_id   1
_entity_poly.type   'polypeptide(L)'
_entity_poly.pdbx_seq_one_letter_code
;MGLPPLLSLPSNSAPRSLGRVETPPEVVDFMVSLAEAPRGGRVLEPACAHGPFLRAFREAHGTGYRFVGVEIDPKALDLP
PWAEGILADFLLWEPGEAFDLILGNPPYGIVGEASKYPIHVFKAVKDLYKKAFSTWKGKYNLYGAFLEKAVRLLKPGGVL
VFVVPATWLVLEDFALLREFLAREGKTSVYYLGEVFPQKKVSAVVIRFQKSGKGLSLWDTQESESGFTPILWAEYPHWEG
EIIRFETEETRKLEISGMPLGDLFHIRFAARSPEFKKHPAVRKEPGPGLVPVLTGRNLKPGWVDYEKNHSGLWMPKERAK
ELRDFYATPHLVVAHTKGTRVVAAWDERAYPWREEFHLLPKEGVRLDPSTLVQWLNSEAMQKHVRTLYRDFVPHLTLRML
ERLPVRREYGFHTSPESARNF
;
_entity_poly.pdbx_strand_id   A,B
#
# COMPACT_ATOMS: atom_id res chain seq x y z
N VAL A 21 4.28 14.27 -16.30
CA VAL A 21 4.02 12.83 -16.02
C VAL A 21 2.51 12.55 -15.92
N GLU A 22 2.05 11.55 -16.66
CA GLU A 22 0.63 11.19 -16.66
C GLU A 22 0.27 10.29 -15.50
N THR A 23 -0.94 10.46 -14.95
CA THR A 23 -1.38 9.65 -13.81
C THR A 23 -2.12 8.40 -14.24
N PRO A 24 -1.54 7.22 -13.96
CA PRO A 24 -2.19 5.96 -14.33
C PRO A 24 -3.53 5.82 -13.61
N PRO A 25 -4.48 5.08 -14.20
CA PRO A 25 -5.80 4.89 -13.58
C PRO A 25 -5.75 4.25 -12.20
N GLU A 26 -4.94 3.20 -12.04
CA GLU A 26 -4.84 2.54 -10.74
C GLU A 26 -4.26 3.43 -9.64
N VAL A 27 -3.40 4.36 -10.01
CA VAL A 27 -2.82 5.28 -9.03
C VAL A 27 -3.94 6.24 -8.59
N VAL A 28 -4.72 6.71 -9.55
CA VAL A 28 -5.83 7.61 -9.26
C VAL A 28 -6.79 6.88 -8.35
N ASP A 29 -7.04 5.61 -8.63
CA ASP A 29 -7.94 4.79 -7.82
C ASP A 29 -7.45 4.72 -6.39
N PHE A 30 -6.14 4.51 -6.23
CA PHE A 30 -5.52 4.40 -4.91
C PHE A 30 -5.69 5.69 -4.09
N MET A 31 -5.50 6.83 -4.74
CA MET A 31 -5.65 8.09 -4.06
C MET A 31 -7.09 8.40 -3.68
N VAL A 32 -8.05 8.03 -4.52
CA VAL A 32 -9.44 8.27 -4.21
C VAL A 32 -9.93 7.49 -3.00
N SER A 33 -9.37 6.31 -2.79
CA SER A 33 -9.76 5.50 -1.65
C SER A 33 -9.14 5.96 -0.32
N LEU A 34 -8.18 6.88 -0.39
CA LEU A 34 -7.54 7.43 0.81
C LEU A 34 -8.25 8.73 1.15
N ALA A 35 -9.03 9.23 0.20
CA ALA A 35 -9.77 10.48 0.32
C ALA A 35 -11.12 10.33 0.97
N GLU A 36 -11.44 11.29 1.84
CA GLU A 36 -12.69 11.32 2.58
C GLU A 36 -13.08 12.79 2.77
N ALA A 37 -14.38 13.05 2.78
CA ALA A 37 -14.89 14.39 2.98
C ALA A 37 -16.35 14.27 3.41
N PRO A 38 -16.82 15.19 4.26
CA PRO A 38 -18.21 15.20 4.74
C PRO A 38 -19.19 15.55 3.63
N ARG A 39 -20.42 15.04 3.72
CA ARG A 39 -21.41 15.35 2.70
C ARG A 39 -21.58 16.86 2.73
N GLY A 40 -21.67 17.46 1.55
CA GLY A 40 -21.81 18.91 1.46
C GLY A 40 -20.45 19.59 1.53
N GLY A 41 -19.40 18.84 1.78
CA GLY A 41 -18.07 19.40 1.83
C GLY A 41 -17.51 19.79 0.48
N ARG A 42 -16.63 20.79 0.48
CA ARG A 42 -16.00 21.28 -0.74
C ARG A 42 -14.79 20.45 -1.12
N VAL A 43 -14.77 20.00 -2.37
CA VAL A 43 -13.69 19.19 -2.91
C VAL A 43 -13.04 20.03 -4.00
N LEU A 44 -11.71 20.18 -3.95
CA LEU A 44 -10.99 20.99 -4.93
C LEU A 44 -9.84 20.26 -5.59
N GLU A 45 -9.61 20.55 -6.86
CA GLU A 45 -8.50 19.96 -7.58
C GLU A 45 -7.68 21.07 -8.25
N PRO A 46 -6.50 21.37 -7.70
CA PRO A 46 -5.62 22.41 -8.26
C PRO A 46 -4.99 21.91 -9.56
N ALA A 47 -4.90 22.78 -10.57
CA ALA A 47 -4.30 22.41 -11.86
C ALA A 47 -5.06 21.23 -12.51
N CYS A 48 -6.39 21.38 -12.53
CA CYS A 48 -7.31 20.33 -13.01
C CYS A 48 -7.42 19.88 -14.47
N ALA A 49 -7.23 20.79 -15.42
CA ALA A 49 -7.39 20.41 -16.82
C ALA A 49 -8.85 19.94 -16.99
N HIS A 50 -9.06 18.67 -17.29
CA HIS A 50 -10.43 18.17 -17.45
C HIS A 50 -10.98 17.58 -16.15
N GLY A 51 -10.27 17.78 -15.05
CA GLY A 51 -10.72 17.27 -13.77
C GLY A 51 -10.77 15.78 -13.52
N PRO A 52 -9.67 15.05 -13.72
CA PRO A 52 -9.60 13.59 -13.51
C PRO A 52 -9.92 13.09 -12.09
N PHE A 53 -9.52 13.86 -11.07
CA PHE A 53 -9.77 13.48 -9.66
C PHE A 53 -11.16 13.87 -9.20
N LEU A 54 -11.69 14.96 -9.75
CA LEU A 54 -13.05 15.41 -9.43
C LEU A 54 -14.01 14.30 -9.92
N ARG A 55 -13.76 13.82 -11.14
CA ARG A 55 -14.56 12.76 -11.76
C ARG A 55 -14.48 11.42 -11.03
N ALA A 56 -13.26 10.97 -10.75
CA ALA A 56 -13.08 9.71 -10.05
C ALA A 56 -13.69 9.73 -8.65
N PHE A 57 -13.56 10.85 -7.95
CA PHE A 57 -14.10 10.95 -6.60
C PHE A 57 -15.62 10.86 -6.60
N ARG A 58 -16.26 11.57 -7.52
CA ARG A 58 -17.71 11.58 -7.61
C ARG A 58 -18.29 10.19 -7.87
N GLU A 59 -17.62 9.43 -8.73
CA GLU A 59 -18.05 8.07 -9.07
C GLU A 59 -17.88 7.09 -7.92
N ALA A 60 -16.89 7.32 -7.06
CA ALA A 60 -16.63 6.44 -5.94
C ALA A 60 -17.27 6.90 -4.63
N HIS A 61 -17.38 8.22 -4.43
CA HIS A 61 -17.94 8.74 -3.20
C HIS A 61 -19.31 9.42 -3.29
N GLY A 62 -19.79 9.65 -4.50
CA GLY A 62 -21.10 10.27 -4.66
C GLY A 62 -21.14 11.72 -5.10
N THR A 63 -22.36 12.20 -5.33
CA THR A 63 -22.63 13.56 -5.81
C THR A 63 -22.89 14.63 -4.73
N GLY A 64 -23.01 14.23 -3.47
CA GLY A 64 -23.31 15.19 -2.42
C GLY A 64 -22.18 16.10 -1.93
N TYR A 65 -21.48 16.77 -2.85
CA TYR A 65 -20.39 17.67 -2.47
C TYR A 65 -20.29 18.85 -3.44
N ARG A 66 -19.50 19.86 -3.08
CA ARG A 66 -19.28 21.01 -3.96
C ARG A 66 -17.94 20.79 -4.64
N PHE A 67 -17.95 20.69 -5.97
CA PHE A 67 -16.74 20.45 -6.74
C PHE A 67 -16.19 21.71 -7.41
N VAL A 68 -14.91 21.99 -7.20
CA VAL A 68 -14.23 23.16 -7.77
C VAL A 68 -12.93 22.71 -8.43
N GLY A 69 -12.54 23.40 -9.51
CA GLY A 69 -11.30 23.07 -10.20
C GLY A 69 -10.64 24.38 -10.60
N VAL A 70 -9.34 24.49 -10.36
CA VAL A 70 -8.60 25.71 -10.71
C VAL A 70 -7.60 25.39 -11.80
N GLU A 71 -7.74 26.08 -12.94
CA GLU A 71 -6.87 25.88 -14.10
C GLU A 71 -6.42 27.25 -14.63
N ILE A 72 -5.15 27.37 -14.97
CA ILE A 72 -4.61 28.64 -15.47
C ILE A 72 -4.71 28.80 -17.00
N ASP A 73 -4.83 27.69 -17.71
CA ASP A 73 -4.92 27.69 -19.15
C ASP A 73 -6.35 27.45 -19.58
N PRO A 74 -7.03 28.48 -20.09
CA PRO A 74 -8.42 28.38 -20.53
C PRO A 74 -8.64 27.31 -21.61
N LYS A 75 -7.58 27.00 -22.36
CA LYS A 75 -7.67 26.00 -23.40
C LYS A 75 -7.69 24.61 -22.79
N ALA A 76 -7.18 24.49 -21.56
CA ALA A 76 -7.12 23.21 -20.85
C ALA A 76 -8.33 22.93 -19.96
N LEU A 77 -8.95 24.00 -19.47
CA LEU A 77 -10.10 23.87 -18.60
C LEU A 77 -11.28 23.24 -19.30
N ASP A 78 -11.54 21.98 -18.96
CA ASP A 78 -12.63 21.20 -19.55
C ASP A 78 -13.34 20.36 -18.47
N LEU A 79 -14.16 21.02 -17.65
CA LEU A 79 -14.88 20.36 -16.57
C LEU A 79 -16.37 20.15 -16.87
N PRO A 80 -16.94 19.05 -16.36
CA PRO A 80 -18.36 18.76 -16.59
C PRO A 80 -19.23 19.77 -15.84
N PRO A 81 -20.51 19.90 -16.23
CA PRO A 81 -21.51 20.80 -15.66
C PRO A 81 -21.63 20.86 -14.14
N TRP A 82 -21.57 19.72 -13.47
CA TRP A 82 -21.67 19.67 -12.02
C TRP A 82 -20.49 20.29 -11.26
N ALA A 83 -19.41 20.59 -11.98
CA ALA A 83 -18.21 21.16 -11.36
C ALA A 83 -18.08 22.65 -11.68
N GLU A 84 -17.51 23.38 -10.73
CA GLU A 84 -17.29 24.82 -10.88
C GLU A 84 -15.83 25.03 -11.31
N GLY A 85 -15.63 25.73 -12.42
CA GLY A 85 -14.29 25.95 -12.91
C GLY A 85 -13.74 27.34 -12.64
N ILE A 86 -12.48 27.42 -12.20
CA ILE A 86 -11.85 28.69 -11.91
C ILE A 86 -10.60 28.83 -12.76
N LEU A 87 -10.52 29.91 -13.53
CA LEU A 87 -9.39 30.20 -14.40
C LEU A 87 -8.43 31.07 -13.59
N ALA A 88 -7.35 30.48 -13.05
CA ALA A 88 -6.40 31.26 -12.26
C ALA A 88 -5.10 30.54 -11.93
N ASP A 89 -4.13 31.31 -11.44
CA ASP A 89 -2.84 30.78 -11.04
C ASP A 89 -3.05 30.36 -9.60
N PHE A 90 -3.26 29.06 -9.40
CA PHE A 90 -3.49 28.51 -8.07
C PHE A 90 -2.58 29.10 -7.01
N LEU A 91 -1.30 29.23 -7.34
CA LEU A 91 -0.33 29.76 -6.40
C LEU A 91 -0.58 31.18 -5.93
N LEU A 92 -1.32 31.95 -6.71
CA LEU A 92 -1.62 33.33 -6.33
C LEU A 92 -3.11 33.52 -6.13
N TRP A 93 -3.87 32.42 -6.09
CA TRP A 93 -5.31 32.47 -5.92
C TRP A 93 -5.70 32.56 -4.45
N GLU A 94 -6.57 33.52 -4.12
CA GLU A 94 -7.07 33.69 -2.76
C GLU A 94 -8.58 33.63 -2.84
N PRO A 95 -9.17 32.46 -2.59
CA PRO A 95 -10.61 32.19 -2.62
C PRO A 95 -11.44 32.77 -1.49
N GLY A 96 -10.83 33.05 -0.35
CA GLY A 96 -11.58 33.58 0.77
C GLY A 96 -12.48 32.49 1.35
N GLU A 97 -12.24 31.24 0.94
CA GLU A 97 -12.99 30.08 1.40
C GLU A 97 -11.95 28.98 1.69
N ALA A 98 -12.30 28.05 2.58
CA ALA A 98 -11.41 26.96 2.94
C ALA A 98 -12.05 25.67 2.47
N PHE A 99 -11.25 24.66 2.14
CA PHE A 99 -11.79 23.41 1.64
C PHE A 99 -11.65 22.25 2.61
N ASP A 100 -12.45 21.22 2.38
CA ASP A 100 -12.45 20.03 3.22
C ASP A 100 -11.50 18.98 2.69
N LEU A 101 -11.40 18.89 1.37
CA LEU A 101 -10.58 17.90 0.70
C LEU A 101 -9.92 18.52 -0.51
N ILE A 102 -8.62 18.29 -0.67
CA ILE A 102 -7.89 18.79 -1.81
C ILE A 102 -7.12 17.62 -2.37
N LEU A 103 -7.30 17.35 -3.65
CA LEU A 103 -6.55 16.27 -4.27
C LEU A 103 -6.09 16.61 -5.66
N GLY A 104 -4.99 15.98 -6.08
CA GLY A 104 -4.51 16.24 -7.42
C GLY A 104 -3.07 15.87 -7.67
N ASN A 105 -2.63 16.18 -8.88
CA ASN A 105 -1.27 15.94 -9.33
C ASN A 105 -0.78 17.32 -9.74
N PRO A 106 0.06 17.95 -8.91
CA PRO A 106 0.58 19.27 -9.23
C PRO A 106 1.75 19.16 -10.22
N PRO A 107 2.01 20.23 -10.99
CA PRO A 107 3.11 20.19 -11.94
C PRO A 107 4.41 20.12 -11.16
N TYR A 108 5.35 19.34 -11.68
CA TYR A 108 6.66 19.18 -11.07
C TYR A 108 7.60 20.09 -11.85
N GLY A 109 8.63 20.62 -11.21
CA GLY A 109 9.57 21.46 -11.93
C GLY A 109 9.87 22.83 -11.35
N ILE A 110 10.93 23.46 -11.88
CA ILE A 110 11.33 24.80 -11.45
C ILE A 110 10.90 25.79 -12.54
N VAL A 111 11.04 27.08 -12.27
CA VAL A 111 10.66 28.10 -13.24
C VAL A 111 11.83 29.01 -13.64
N LYS A 123 11.10 34.23 -12.82
CA LYS A 123 11.77 35.45 -12.32
C LYS A 123 10.69 36.49 -12.19
N ALA A 124 10.39 36.87 -10.97
CA ALA A 124 9.35 37.86 -10.68
C ALA A 124 8.06 37.09 -10.49
N VAL A 125 7.67 36.22 -11.45
CA VAL A 125 6.48 35.38 -11.22
C VAL A 125 7.12 34.48 -10.15
N LYS A 126 8.41 34.16 -10.37
CA LYS A 126 9.22 33.40 -9.41
C LYS A 126 9.43 34.29 -8.18
N ASP A 127 10.21 35.36 -8.32
CA ASP A 127 10.43 36.31 -7.23
C ASP A 127 9.19 36.53 -6.38
N LEU A 128 8.07 36.78 -7.05
CA LEU A 128 6.79 36.98 -6.38
C LEU A 128 6.54 35.76 -5.48
N TYR A 129 6.67 34.58 -6.07
CA TYR A 129 6.47 33.31 -5.38
C TYR A 129 7.33 33.24 -4.12
N LYS A 130 8.60 33.58 -4.27
CA LYS A 130 9.52 33.56 -3.14
C LYS A 130 9.00 34.37 -1.97
N LYS A 131 8.42 35.53 -2.28
CA LYS A 131 7.87 36.40 -1.26
C LYS A 131 6.67 35.67 -0.67
N ALA A 132 5.87 35.10 -1.55
CA ALA A 132 4.65 34.38 -1.18
C ALA A 132 4.82 33.10 -0.37
N PHE A 133 5.89 32.36 -0.62
CA PHE A 133 6.06 31.09 0.08
C PHE A 133 7.23 30.96 1.04
N SER A 134 6.91 30.67 2.30
CA SER A 134 7.87 30.51 3.38
C SER A 134 8.77 29.28 3.32
N THR A 135 8.30 28.20 2.71
CA THR A 135 9.11 27.00 2.62
C THR A 135 10.01 27.03 1.38
N TRP A 136 9.98 28.14 0.64
CA TRP A 136 10.79 28.26 -0.57
C TRP A 136 12.26 28.37 -0.23
N LYS A 137 13.04 27.38 -0.67
CA LYS A 137 14.48 27.36 -0.42
C LYS A 137 15.23 26.88 -1.65
N GLY A 138 16.38 27.49 -1.91
CA GLY A 138 17.18 27.13 -3.06
C GLY A 138 16.41 27.24 -4.36
N LYS A 139 16.65 26.29 -5.25
CA LYS A 139 15.98 26.25 -6.56
C LYS A 139 14.51 25.92 -6.34
N TYR A 140 14.28 25.09 -5.32
CA TYR A 140 12.96 24.62 -4.93
C TYR A 140 12.29 23.89 -6.09
N ASN A 141 10.97 23.76 -6.01
CA ASN A 141 10.22 23.06 -7.04
C ASN A 141 8.75 23.43 -6.91
N LEU A 142 8.08 23.65 -8.03
CA LEU A 142 6.69 24.02 -8.02
C LEU A 142 5.82 23.11 -7.15
N TYR A 143 6.10 21.82 -7.13
CA TYR A 143 5.28 20.91 -6.31
C TYR A 143 5.35 21.24 -4.82
N GLY A 144 6.44 21.87 -4.40
CA GLY A 144 6.60 22.26 -3.01
C GLY A 144 5.69 23.43 -2.70
N ALA A 145 5.65 24.41 -3.61
CA ALA A 145 4.81 25.57 -3.45
C ALA A 145 3.33 25.17 -3.46
N PHE A 146 2.94 24.27 -4.36
CA PHE A 146 1.56 23.77 -4.42
C PHE A 146 1.18 23.12 -3.10
N LEU A 147 2.12 22.40 -2.51
CA LEU A 147 1.89 21.75 -1.22
C LEU A 147 1.61 22.79 -0.12
N GLU A 148 2.52 23.75 0.05
CA GLU A 148 2.33 24.78 1.07
C GLU A 148 1.04 25.53 0.87
N LYS A 149 0.74 25.88 -0.38
CA LYS A 149 -0.48 26.59 -0.72
C LYS A 149 -1.72 25.77 -0.37
N ALA A 150 -1.73 24.51 -0.78
CA ALA A 150 -2.85 23.61 -0.52
C ALA A 150 -3.12 23.45 0.98
N VAL A 151 -2.07 23.28 1.77
CA VAL A 151 -2.22 23.12 3.23
C VAL A 151 -2.86 24.37 3.84
N ARG A 152 -2.56 25.55 3.27
CA ARG A 152 -3.11 26.81 3.77
C ARG A 152 -4.57 27.07 3.41
N LEU A 153 -5.09 26.37 2.40
CA LEU A 153 -6.48 26.54 1.99
C LEU A 153 -7.37 25.48 2.65
N LEU A 154 -6.79 24.72 3.57
CA LEU A 154 -7.47 23.64 4.26
C LEU A 154 -8.19 24.06 5.55
N LYS A 155 -9.43 23.62 5.72
CA LYS A 155 -10.18 23.91 6.94
C LYS A 155 -9.52 23.03 8.00
N PRO A 156 -9.67 23.37 9.28
CA PRO A 156 -9.06 22.54 10.33
C PRO A 156 -9.62 21.13 10.25
N GLY A 157 -8.73 20.14 10.20
CA GLY A 157 -9.17 18.76 10.11
C GLY A 157 -9.38 18.32 8.67
N GLY A 158 -9.17 19.24 7.72
CA GLY A 158 -9.31 18.92 6.31
C GLY A 158 -8.18 18.02 5.86
N VAL A 159 -8.36 17.34 4.74
CA VAL A 159 -7.33 16.46 4.23
C VAL A 159 -6.89 16.81 2.81
N LEU A 160 -5.68 16.39 2.47
CA LEU A 160 -5.07 16.64 1.17
C LEU A 160 -4.40 15.34 0.70
N VAL A 161 -4.60 14.99 -0.57
CA VAL A 161 -3.99 13.79 -1.14
C VAL A 161 -3.37 14.21 -2.46
N PHE A 162 -2.05 14.13 -2.56
CA PHE A 162 -1.30 14.54 -3.77
C PHE A 162 -0.27 13.47 -4.14
N VAL A 163 0.04 13.35 -5.43
CA VAL A 163 1.09 12.42 -5.90
C VAL A 163 2.23 13.38 -6.21
N VAL A 164 3.40 13.18 -5.61
CA VAL A 164 4.55 14.05 -5.87
C VAL A 164 5.84 13.26 -5.90
N PRO A 165 6.93 13.86 -6.38
CA PRO A 165 8.22 13.13 -6.42
C PRO A 165 8.70 12.83 -4.99
N ALA A 166 9.60 11.88 -4.87
CA ALA A 166 10.13 11.47 -3.57
C ALA A 166 11.32 12.29 -3.08
N THR A 167 11.81 13.21 -3.91
CA THR A 167 12.98 14.00 -3.54
C THR A 167 12.88 14.79 -2.24
N TRP A 168 11.69 15.29 -1.91
CA TRP A 168 11.54 16.07 -0.70
C TRP A 168 11.83 15.30 0.59
N LEU A 169 11.95 13.99 0.51
CA LEU A 169 12.22 13.18 1.70
C LEU A 169 13.66 13.29 2.20
N VAL A 170 14.61 13.52 1.28
CA VAL A 170 16.04 13.61 1.62
C VAL A 170 16.79 14.89 1.26
N LEU A 171 16.34 15.62 0.26
CA LEU A 171 17.02 16.86 -0.17
C LEU A 171 16.86 18.02 0.81
N GLU A 172 17.92 18.80 0.95
CA GLU A 172 17.90 19.96 1.85
C GLU A 172 17.11 21.16 1.37
N ASP A 173 16.82 21.23 0.08
CA ASP A 173 16.03 22.36 -0.44
C ASP A 173 14.62 22.22 0.13
N PHE A 174 14.29 21.01 0.56
CA PHE A 174 12.98 20.74 1.10
C PHE A 174 12.93 20.60 2.63
N ALA A 175 14.01 20.98 3.29
CA ALA A 175 14.08 20.93 4.75
C ALA A 175 13.05 21.85 5.40
N LEU A 176 12.81 23.02 4.83
CA LEU A 176 11.81 23.92 5.41
C LEU A 176 10.39 23.38 5.17
N LEU A 177 10.19 22.66 4.07
CA LEU A 177 8.88 22.08 3.76
C LEU A 177 8.56 21.00 4.78
N ARG A 178 9.52 20.12 5.05
CA ARG A 178 9.34 19.04 6.02
C ARG A 178 8.94 19.58 7.39
N GLU A 179 9.58 20.67 7.82
CA GLU A 179 9.24 21.27 9.10
C GLU A 179 7.82 21.81 9.11
N PHE A 180 7.46 22.51 8.04
CA PHE A 180 6.11 23.08 7.89
C PHE A 180 5.08 21.98 8.05
N LEU A 181 5.21 20.92 7.27
CA LEU A 181 4.30 19.79 7.32
C LEU A 181 4.29 19.18 8.73
N ALA A 182 5.48 19.01 9.30
CA ALA A 182 5.62 18.42 10.62
C ALA A 182 4.86 19.16 11.69
N ARG A 183 4.76 20.48 11.57
CA ARG A 183 4.06 21.23 12.59
C ARG A 183 2.61 21.62 12.31
N GLU A 184 2.17 21.47 11.06
CA GLU A 184 0.81 21.82 10.69
C GLU A 184 -0.20 20.69 10.76
N GLY A 185 0.26 19.44 10.83
CA GLY A 185 -0.67 18.31 10.90
C GLY A 185 0.00 16.95 10.94
N LYS A 186 -0.74 15.88 10.71
CA LYS A 186 -0.14 14.54 10.69
C LYS A 186 0.10 14.15 9.23
N THR A 187 1.24 13.53 8.97
CA THR A 187 1.59 13.16 7.61
C THR A 187 1.77 11.66 7.35
N SER A 188 1.18 11.16 6.28
CA SER A 188 1.28 9.76 5.85
C SER A 188 1.93 9.75 4.47
N VAL A 189 3.03 9.03 4.34
CA VAL A 189 3.75 8.93 3.09
C VAL A 189 3.71 7.50 2.58
N TYR A 190 3.13 7.30 1.39
CA TYR A 190 3.00 5.99 0.74
C TYR A 190 3.95 5.92 -0.46
N TYR A 191 4.93 5.02 -0.40
CA TYR A 191 5.90 4.86 -1.48
C TYR A 191 5.31 4.10 -2.67
N LEU A 192 5.28 4.74 -3.85
CA LEU A 192 4.76 4.08 -5.05
C LEU A 192 5.92 3.69 -5.95
N GLY A 193 6.92 4.56 -6.04
CA GLY A 193 8.08 4.30 -6.87
C GLY A 193 7.95 4.91 -8.25
N GLU A 194 8.64 4.31 -9.22
CA GLU A 194 8.63 4.78 -10.60
C GLU A 194 7.42 4.22 -11.34
N VAL A 195 6.26 4.80 -11.05
CA VAL A 195 5.01 4.35 -11.61
C VAL A 195 4.54 5.05 -12.88
N PHE A 196 5.14 6.18 -13.22
CA PHE A 196 4.77 6.91 -14.43
C PHE A 196 5.50 6.28 -15.61
N PRO A 197 4.93 6.38 -16.82
CA PRO A 197 5.60 5.79 -17.97
C PRO A 197 7.01 6.37 -18.16
N GLN A 198 7.24 7.58 -17.65
CA GLN A 198 8.57 8.20 -17.71
C GLN A 198 9.29 7.66 -16.46
N LYS A 199 10.32 6.83 -16.67
CA LYS A 199 11.06 6.16 -15.60
C LYS A 199 12.12 6.81 -14.70
N LYS A 200 12.46 8.07 -14.87
CA LYS A 200 13.47 8.60 -13.95
C LYS A 200 12.90 9.28 -12.69
N VAL A 201 11.59 9.12 -12.48
CA VAL A 201 10.91 9.71 -11.34
C VAL A 201 10.23 8.71 -10.41
N SER A 202 10.70 8.69 -9.17
CA SER A 202 10.15 7.82 -8.13
C SER A 202 9.06 8.67 -7.48
N ALA A 203 7.83 8.14 -7.44
CA ALA A 203 6.71 8.88 -6.86
C ALA A 203 6.33 8.42 -5.47
N VAL A 204 5.63 9.31 -4.77
CA VAL A 204 5.19 9.06 -3.41
C VAL A 204 3.84 9.78 -3.28
N VAL A 205 2.90 9.16 -2.56
CA VAL A 205 1.58 9.75 -2.33
C VAL A 205 1.59 10.23 -0.87
N ILE A 206 1.26 11.50 -0.66
CA ILE A 206 1.21 12.02 0.70
C ILE A 206 -0.23 12.33 1.07
N ARG A 207 -0.66 11.82 2.22
CA ARG A 207 -2.00 12.08 2.70
C ARG A 207 -1.72 12.91 3.94
N PHE A 208 -2.25 14.12 3.97
CA PHE A 208 -2.03 15.02 5.10
C PHE A 208 -3.35 15.53 5.70
N GLN A 209 -3.47 15.49 7.02
CA GLN A 209 -4.67 15.97 7.68
C GLN A 209 -4.29 17.07 8.66
N LYS A 210 -4.96 18.21 8.57
CA LYS A 210 -4.63 19.34 9.44
C LYS A 210 -5.03 19.14 10.92
N SER A 211 -4.36 18.18 11.57
CA SER A 211 -4.57 17.83 12.98
C SER A 211 -3.25 17.26 13.53
N GLY A 212 -2.24 18.14 13.65
CA GLY A 212 -0.92 17.79 14.13
C GLY A 212 -0.76 16.47 14.86
N LYS A 213 0.03 15.55 14.32
CA LYS A 213 0.18 14.25 14.96
C LYS A 213 1.21 13.31 14.33
N GLY A 214 2.44 13.77 14.11
CA GLY A 214 3.46 12.89 13.58
C GLY A 214 3.50 12.43 12.13
N LEU A 215 4.25 11.36 11.88
CA LEU A 215 4.45 10.83 10.53
C LEU A 215 4.34 9.31 10.53
N SER A 216 3.73 8.77 9.47
CA SER A 216 3.58 7.32 9.27
C SER A 216 4.18 7.01 7.88
N LEU A 217 5.09 6.05 7.82
CA LEU A 217 5.72 5.68 6.56
C LEU A 217 5.13 4.36 6.11
N TRP A 218 4.59 4.33 4.89
CA TRP A 218 3.97 3.14 4.35
C TRP A 218 4.66 2.65 3.09
N ASP A 219 4.72 1.34 2.94
CA ASP A 219 5.28 0.77 1.74
C ASP A 219 4.05 0.42 0.91
N THR A 220 4.24 -0.10 -0.28
CA THR A 220 3.11 -0.39 -1.13
C THR A 220 3.35 -1.64 -2.00
N GLN A 221 2.30 -2.42 -2.18
CA GLN A 221 2.37 -3.64 -2.99
C GLN A 221 1.57 -3.44 -4.27
N GLU A 222 2.18 -3.76 -5.39
CA GLU A 222 1.56 -3.62 -6.71
C GLU A 222 1.01 -4.95 -7.19
N SER A 223 -0.25 -4.97 -7.64
CA SER A 223 -0.85 -6.22 -8.11
C SER A 223 -1.87 -6.00 -9.22
N GLU A 224 -2.75 -6.98 -9.41
CA GLU A 224 -3.80 -6.93 -10.43
C GLU A 224 -4.87 -5.89 -10.09
N SER A 225 -5.29 -5.88 -8.83
CA SER A 225 -6.31 -4.96 -8.33
C SER A 225 -5.85 -3.50 -8.26
N GLY A 226 -4.56 -3.31 -7.99
CA GLY A 226 -4.02 -1.96 -7.89
C GLY A 226 -2.92 -1.99 -6.87
N PHE A 227 -2.99 -1.06 -5.91
CA PHE A 227 -1.98 -0.99 -4.86
C PHE A 227 -2.54 -1.39 -3.50
N THR A 228 -1.69 -2.02 -2.71
CA THR A 228 -2.02 -2.45 -1.36
C THR A 228 -0.94 -1.88 -0.43
N PRO A 229 -1.31 -0.97 0.49
CA PRO A 229 -0.36 -0.37 1.42
C PRO A 229 0.06 -1.30 2.56
N ILE A 230 1.24 -1.06 3.09
CA ILE A 230 1.78 -1.85 4.18
C ILE A 230 2.52 -0.87 5.09
N LEU A 231 2.04 -0.74 6.33
CA LEU A 231 2.65 0.18 7.28
C LEU A 231 4.05 -0.29 7.57
N TRP A 232 5.00 0.63 7.44
CA TRP A 232 6.41 0.31 7.68
C TRP A 232 6.91 0.77 9.05
N ALA A 233 6.68 2.03 9.38
CA ALA A 233 7.11 2.58 10.64
C ALA A 233 6.33 3.84 10.94
N GLU A 234 6.28 4.22 12.21
CA GLU A 234 5.58 5.41 12.64
C GLU A 234 6.53 6.29 13.45
N TYR A 235 6.49 7.60 13.22
CA TYR A 235 7.34 8.58 13.93
C TYR A 235 6.42 9.65 14.53
N PRO A 236 5.86 9.37 15.72
CA PRO A 236 4.95 10.32 16.37
C PRO A 236 5.59 11.64 16.79
N HIS A 237 6.92 11.67 16.93
CA HIS A 237 7.64 12.89 17.35
C HIS A 237 8.38 13.57 16.20
N TRP A 238 7.98 13.28 14.97
CA TRP A 238 8.62 13.84 13.78
C TRP A 238 8.59 15.37 13.81
N GLU A 239 9.75 15.97 13.58
CA GLU A 239 9.87 17.42 13.55
C GLU A 239 10.40 17.92 12.21
N GLY A 240 10.45 17.06 11.19
CA GLY A 240 10.94 17.50 9.90
C GLY A 240 12.26 16.87 9.49
N GLU A 241 12.68 15.85 10.23
CA GLU A 241 13.93 15.16 9.93
C GLU A 241 13.78 14.38 8.62
N ILE A 242 14.91 14.01 8.04
CA ILE A 242 14.95 13.23 6.79
C ILE A 242 14.16 11.93 7.02
N ILE A 243 13.43 11.51 5.99
CA ILE A 243 12.63 10.30 6.06
C ILE A 243 13.37 9.16 5.37
N ARG A 244 13.51 8.03 6.06
CA ARG A 244 14.23 6.88 5.53
C ARG A 244 13.48 5.59 5.85
N PHE A 245 13.74 4.53 5.09
CA PHE A 245 13.13 3.23 5.33
C PHE A 245 14.08 2.44 6.23
N GLU A 246 13.93 2.64 7.53
CA GLU A 246 14.77 1.99 8.53
C GLU A 246 14.35 0.57 8.87
N THR A 247 15.33 -0.23 9.27
CA THR A 247 15.13 -1.61 9.70
C THR A 247 16.01 -1.88 10.93
N GLU A 248 15.80 -3.02 11.55
CA GLU A 248 16.58 -3.43 12.72
C GLU A 248 18.07 -3.40 12.40
N GLU A 249 18.43 -4.02 11.27
CA GLU A 249 19.81 -4.11 10.82
C GLU A 249 20.46 -2.76 10.47
N THR A 250 19.70 -1.85 9.89
CA THR A 250 20.27 -0.55 9.56
C THR A 250 20.59 0.17 10.87
N ARG A 251 19.77 -0.05 11.89
CA ARG A 251 20.01 0.57 13.20
C ARG A 251 21.23 -0.05 13.87
N LYS A 252 21.34 -1.39 13.82
CA LYS A 252 22.48 -2.08 14.40
C LYS A 252 23.76 -1.57 13.79
N LEU A 253 23.75 -1.43 12.47
CA LEU A 253 24.92 -0.94 11.75
C LEU A 253 25.33 0.49 12.12
N GLU A 254 24.35 1.38 12.28
CA GLU A 254 24.66 2.76 12.61
C GLU A 254 25.15 3.03 14.04
N ILE A 255 24.75 2.19 14.99
CA ILE A 255 25.17 2.38 16.38
C ILE A 255 26.49 1.68 16.68
N SER A 256 26.89 0.74 15.83
CA SER A 256 28.13 0.01 16.02
C SER A 256 29.28 0.60 15.17
N GLY A 257 29.30 1.91 15.04
CA GLY A 257 30.34 2.54 14.26
C GLY A 257 30.26 4.04 14.38
N MET A 258 31.24 4.75 13.83
CA MET A 258 31.22 6.21 13.88
C MET A 258 30.82 6.70 12.51
N PRO A 259 30.01 7.77 12.44
CA PRO A 259 29.62 8.23 11.10
C PRO A 259 30.81 8.84 10.40
N LEU A 260 30.90 8.58 9.11
CA LEU A 260 31.98 9.05 8.23
C LEU A 260 32.25 10.54 8.45
N GLY A 261 31.17 11.32 8.58
CA GLY A 261 31.30 12.76 8.76
C GLY A 261 31.98 13.23 10.04
N ASP A 262 32.30 12.31 10.94
CA ASP A 262 32.97 12.67 12.18
C ASP A 262 34.46 12.51 12.02
N LEU A 263 34.85 11.64 11.10
CA LEU A 263 36.25 11.34 10.85
C LEU A 263 36.87 12.11 9.69
N PHE A 264 36.03 12.60 8.78
CA PHE A 264 36.56 13.31 7.61
C PHE A 264 35.95 14.66 7.31
N HIS A 265 36.67 15.45 6.52
CA HIS A 265 36.17 16.73 6.03
C HIS A 265 35.75 16.33 4.62
N ILE A 266 34.57 16.75 4.18
CA ILE A 266 34.10 16.41 2.84
C ILE A 266 34.22 17.65 1.98
N ARG A 267 35.17 17.62 1.05
CA ARG A 267 35.43 18.75 0.17
C ARG A 267 34.90 18.50 -1.22
N PHE A 268 34.70 19.57 -1.96
CA PHE A 268 34.20 19.51 -3.33
C PHE A 268 35.30 19.90 -4.30
N ALA A 269 35.26 19.32 -5.49
CA ALA A 269 36.27 19.60 -6.48
C ALA A 269 35.94 20.88 -7.25
N ALA A 270 36.89 21.34 -8.03
CA ALA A 270 36.74 22.52 -8.85
C ALA A 270 36.08 22.07 -10.16
N ARG A 271 35.38 22.97 -10.84
CA ARG A 271 34.72 22.61 -12.08
C ARG A 271 35.58 22.92 -13.28
N SER A 272 35.09 22.54 -14.47
CA SER A 272 35.81 22.76 -15.73
C SER A 272 36.16 24.23 -15.98
N PRO A 273 35.22 25.16 -15.73
CA PRO A 273 35.54 26.57 -15.96
C PRO A 273 36.78 26.97 -15.18
N GLU A 274 36.84 26.61 -13.90
CA GLU A 274 37.99 26.94 -13.08
C GLU A 274 39.25 26.37 -13.70
N PHE A 275 39.17 25.15 -14.21
CA PHE A 275 40.31 24.53 -14.85
C PHE A 275 40.67 25.26 -16.14
N LYS A 276 39.65 25.56 -16.95
CA LYS A 276 39.87 26.24 -18.23
C LYS A 276 40.42 27.65 -18.12
N LYS A 277 40.17 28.30 -16.99
CA LYS A 277 40.66 29.65 -16.75
C LYS A 277 42.06 29.60 -16.14
N HIS A 278 42.61 28.41 -15.98
CA HIS A 278 43.92 28.26 -15.37
C HIS A 278 45.02 28.03 -16.38
N PRO A 279 46.02 28.94 -16.42
CA PRO A 279 47.13 28.79 -17.36
C PRO A 279 47.88 27.56 -16.83
N ALA A 280 48.40 26.75 -17.73
CA ALA A 280 49.10 25.48 -17.45
C ALA A 280 48.13 24.37 -17.82
N VAL A 281 46.84 24.68 -17.84
CA VAL A 281 45.82 23.71 -18.24
C VAL A 281 45.82 23.69 -19.77
N ARG A 282 46.11 22.53 -20.35
CA ARG A 282 46.16 22.36 -21.81
C ARG A 282 44.99 21.54 -22.36
N LYS A 283 45.02 21.25 -23.65
CA LYS A 283 43.96 20.50 -24.31
C LYS A 283 44.45 19.32 -25.15
N GLU A 284 45.76 19.13 -25.26
CA GLU A 284 46.32 17.99 -26.01
C GLU A 284 47.34 17.43 -25.02
N PRO A 285 47.58 16.11 -25.05
CA PRO A 285 48.56 15.56 -24.10
C PRO A 285 49.92 16.20 -24.28
N GLY A 286 50.86 15.84 -23.41
CA GLY A 286 52.20 16.39 -23.49
C GLY A 286 53.01 15.94 -22.30
N PRO A 287 54.34 16.12 -22.35
CA PRO A 287 55.26 15.74 -21.27
C PRO A 287 55.02 16.56 -20.00
N GLY A 288 54.89 15.88 -18.86
CA GLY A 288 54.65 16.55 -17.60
C GLY A 288 53.21 16.96 -17.35
N LEU A 289 52.31 16.51 -18.21
CA LEU A 289 50.89 16.83 -18.07
C LEU A 289 50.10 15.57 -17.73
N VAL A 290 49.24 15.67 -16.73
CA VAL A 290 48.39 14.55 -16.32
C VAL A 290 46.96 14.90 -16.68
N PRO A 291 46.11 13.90 -16.91
CA PRO A 291 44.72 14.21 -17.24
C PRO A 291 43.93 14.61 -16.01
N VAL A 292 42.96 15.49 -16.20
CA VAL A 292 42.07 15.92 -15.13
C VAL A 292 41.05 14.77 -15.05
N LEU A 293 41.11 14.02 -13.96
CA LEU A 293 40.25 12.86 -13.75
C LEU A 293 38.77 13.17 -13.51
N THR A 294 37.90 12.26 -13.95
CA THR A 294 36.46 12.44 -13.75
C THR A 294 35.91 11.15 -13.17
N GLY A 295 34.58 11.11 -13.03
CA GLY A 295 33.93 9.95 -12.47
C GLY A 295 34.16 8.65 -13.19
N ARG A 296 34.44 8.70 -14.49
CA ARG A 296 34.67 7.47 -15.25
C ARG A 296 36.05 6.86 -14.99
N ASN A 297 36.89 7.59 -14.27
CA ASN A 297 38.22 7.12 -13.93
C ASN A 297 38.15 6.36 -12.61
N LEU A 298 37.09 6.62 -11.85
CA LEU A 298 36.88 6.02 -10.55
C LEU A 298 36.19 4.68 -10.64
N LYS A 299 36.88 3.64 -10.19
CA LYS A 299 36.33 2.30 -10.18
C LYS A 299 36.21 1.88 -8.73
N PRO A 300 35.41 0.84 -8.46
CA PRO A 300 35.25 0.40 -7.07
C PRO A 300 36.53 -0.26 -6.60
N GLY A 301 37.29 0.46 -5.80
CA GLY A 301 38.53 -0.09 -5.28
C GLY A 301 39.78 0.42 -5.95
N TRP A 302 39.64 1.16 -7.04
CA TRP A 302 40.81 1.68 -7.73
C TRP A 302 40.49 2.80 -8.72
N VAL A 303 41.54 3.50 -9.14
CA VAL A 303 41.45 4.63 -10.05
C VAL A 303 42.16 4.33 -11.37
N ASP A 304 41.52 4.66 -12.48
CA ASP A 304 42.09 4.47 -13.79
C ASP A 304 42.77 5.77 -14.19
N TYR A 305 44.07 5.86 -13.99
CA TYR A 305 44.84 7.06 -14.32
C TYR A 305 45.21 7.16 -15.80
N GLU A 306 44.85 6.13 -16.58
CA GLU A 306 45.14 6.08 -18.02
C GLU A 306 44.25 6.93 -18.92
N LYS A 307 42.97 6.58 -18.98
CA LYS A 307 41.99 7.27 -19.81
C LYS A 307 41.66 8.70 -19.42
N ASN A 308 41.58 9.58 -20.42
CA ASN A 308 41.21 10.98 -20.21
C ASN A 308 39.77 11.07 -20.69
N HIS A 309 38.88 11.53 -19.82
CA HIS A 309 37.46 11.67 -20.16
C HIS A 309 36.99 13.13 -20.07
N SER A 310 37.92 14.03 -19.77
CA SER A 310 37.60 15.44 -19.63
C SER A 310 38.11 16.26 -20.80
N GLY A 311 39.23 15.82 -21.38
CA GLY A 311 39.81 16.53 -22.50
C GLY A 311 40.66 17.71 -22.04
N LEU A 312 41.04 17.71 -20.77
CA LEU A 312 41.86 18.77 -20.19
C LEU A 312 43.06 18.07 -19.57
N TRP A 313 44.21 18.76 -19.58
CA TRP A 313 45.43 18.20 -19.04
C TRP A 313 46.14 19.34 -18.35
N MET A 314 47.02 19.03 -17.40
CA MET A 314 47.76 20.06 -16.71
C MET A 314 48.89 19.43 -15.92
N PRO A 315 49.91 20.23 -15.55
CA PRO A 315 51.03 19.67 -14.78
C PRO A 315 50.53 19.37 -13.36
N LYS A 316 50.69 18.11 -12.96
CA LYS A 316 50.25 17.62 -11.65
C LYS A 316 50.56 18.57 -10.48
N GLU A 317 51.80 19.02 -10.42
CA GLU A 317 52.25 19.93 -9.36
C GLU A 317 51.52 21.27 -9.24
N ARG A 318 50.87 21.73 -10.30
CA ARG A 318 50.15 22.99 -10.25
C ARG A 318 48.69 22.83 -9.86
N ALA A 319 48.29 21.59 -9.60
CA ALA A 319 46.92 21.28 -9.22
C ALA A 319 46.57 21.92 -7.88
N LYS A 320 47.49 21.82 -6.93
CA LYS A 320 47.27 22.39 -5.60
C LYS A 320 46.92 23.86 -5.65
N GLU A 321 47.15 24.51 -6.78
CA GLU A 321 46.83 25.92 -6.95
C GLU A 321 45.33 26.11 -7.12
N LEU A 322 44.62 25.04 -7.48
CA LEU A 322 43.17 25.09 -7.66
C LEU A 322 42.49 24.69 -6.35
N ARG A 323 42.99 23.60 -5.76
CA ARG A 323 42.50 23.10 -4.47
C ARG A 323 43.70 22.48 -3.80
N ASP A 324 44.01 22.93 -2.58
CA ASP A 324 45.16 22.40 -1.87
C ASP A 324 45.15 20.90 -1.67
N PHE A 325 44.00 20.34 -1.31
CA PHE A 325 43.90 18.89 -1.09
C PHE A 325 44.24 18.06 -2.32
N TYR A 326 44.39 18.70 -3.49
CA TYR A 326 44.75 17.96 -4.69
C TYR A 326 46.17 17.43 -4.54
N ALA A 327 46.97 18.09 -3.71
CA ALA A 327 48.35 17.69 -3.48
C ALA A 327 48.52 16.59 -2.43
N THR A 328 47.43 16.15 -1.82
CA THR A 328 47.48 15.11 -0.78
C THR A 328 46.69 13.85 -1.13
N PRO A 329 47.33 12.67 -1.09
CA PRO A 329 46.62 11.44 -1.41
C PRO A 329 45.45 11.29 -0.45
N HIS A 330 44.26 11.06 -1.00
CA HIS A 330 43.06 10.96 -0.18
C HIS A 330 42.01 10.01 -0.75
N LEU A 331 40.93 9.86 0.00
CA LEU A 331 39.81 9.00 -0.33
C LEU A 331 38.83 9.71 -1.28
N VAL A 332 38.32 8.99 -2.29
CA VAL A 332 37.36 9.56 -3.23
C VAL A 332 36.09 8.70 -3.29
N VAL A 333 34.93 9.32 -3.06
CA VAL A 333 33.64 8.63 -3.11
C VAL A 333 32.85 9.31 -4.22
N ALA A 334 32.13 8.53 -5.01
CA ALA A 334 31.36 9.05 -6.13
C ALA A 334 29.95 9.53 -5.84
N HIS A 335 29.49 10.50 -6.60
CA HIS A 335 28.14 11.01 -6.50
C HIS A 335 27.46 10.92 -7.87
N THR A 336 28.23 10.54 -8.90
CA THR A 336 27.69 10.43 -10.26
C THR A 336 27.27 9.00 -10.62
N LYS A 337 27.54 8.03 -9.74
CA LYS A 337 27.23 6.64 -10.00
C LYS A 337 25.96 6.08 -9.38
N GLY A 338 25.00 6.95 -9.08
CA GLY A 338 23.75 6.49 -8.51
C GLY A 338 23.73 6.39 -6.99
N THR A 339 22.77 5.64 -6.48
CA THR A 339 22.67 5.47 -5.04
C THR A 339 23.41 4.20 -4.64
N ARG A 340 24.73 4.29 -4.68
CA ARG A 340 25.61 3.19 -4.29
C ARG A 340 26.94 3.80 -3.87
N VAL A 341 27.70 3.09 -3.05
CA VAL A 341 28.96 3.64 -2.59
C VAL A 341 30.13 3.05 -3.37
N VAL A 342 30.78 3.90 -4.16
CA VAL A 342 31.95 3.52 -4.96
C VAL A 342 33.11 4.33 -4.40
N ALA A 343 34.10 3.66 -3.81
CA ALA A 343 35.24 4.37 -3.24
C ALA A 343 36.62 3.86 -3.67
N ALA A 344 37.58 4.79 -3.67
CA ALA A 344 38.97 4.49 -4.04
C ALA A 344 39.90 5.53 -3.39
N TRP A 345 41.14 5.10 -3.15
CA TRP A 345 42.15 5.95 -2.53
C TRP A 345 43.03 6.51 -3.62
N ASP A 346 43.05 7.84 -3.77
CA ASP A 346 43.87 8.47 -4.80
C ASP A 346 45.30 8.54 -4.32
N GLU A 347 46.02 7.44 -4.47
CA GLU A 347 47.42 7.34 -4.03
C GLU A 347 48.44 8.26 -4.69
N ARG A 348 48.15 8.72 -5.89
CA ARG A 348 49.07 9.60 -6.62
C ARG A 348 48.70 11.07 -6.52
N ALA A 349 47.51 11.37 -6.06
CA ALA A 349 47.03 12.74 -5.91
C ALA A 349 46.95 13.52 -7.23
N TYR A 350 45.97 13.17 -8.06
CA TYR A 350 45.77 13.84 -9.34
C TYR A 350 44.64 14.85 -9.22
N PRO A 351 44.53 15.75 -10.20
CA PRO A 351 43.44 16.74 -10.16
C PRO A 351 42.12 16.04 -10.58
N TRP A 352 41.01 16.41 -9.94
CA TRP A 352 39.70 15.85 -10.23
C TRP A 352 38.75 16.97 -10.58
N ARG A 353 37.77 16.66 -11.41
CA ARG A 353 36.79 17.64 -11.84
C ARG A 353 35.46 17.45 -11.12
N GLU A 354 35.33 16.35 -10.38
CA GLU A 354 34.08 16.03 -9.68
C GLU A 354 34.27 15.00 -8.56
N GLU A 355 33.14 14.55 -7.99
CA GLU A 355 33.07 13.57 -6.90
C GLU A 355 33.35 14.19 -5.53
N PHE A 356 33.17 13.39 -4.47
CA PHE A 356 33.40 13.84 -3.08
C PHE A 356 34.84 13.53 -2.71
N HIS A 357 35.51 14.47 -2.05
CA HIS A 357 36.91 14.28 -1.62
C HIS A 357 37.04 14.38 -0.11
N LEU A 358 37.39 13.26 0.51
CA LEU A 358 37.50 13.18 1.96
C LEU A 358 38.90 13.29 2.55
N LEU A 359 39.08 14.33 3.37
CA LEU A 359 40.34 14.60 4.06
C LEU A 359 40.06 14.35 5.53
N PRO A 360 40.83 13.46 6.17
CA PRO A 360 40.64 13.16 7.60
C PRO A 360 40.83 14.33 8.55
N LYS A 361 40.02 14.35 9.60
CA LYS A 361 40.10 15.42 10.60
C LYS A 361 41.35 15.18 11.47
N GLU A 362 41.88 16.22 12.08
CA GLU A 362 43.06 16.04 12.90
C GLU A 362 42.89 15.11 14.08
N GLY A 363 43.87 14.22 14.24
CA GLY A 363 43.84 13.26 15.31
C GLY A 363 43.25 11.95 14.85
N VAL A 364 42.65 11.96 13.66
CA VAL A 364 42.05 10.76 13.12
C VAL A 364 43.08 9.92 12.40
N ARG A 365 43.20 8.66 12.80
CA ARG A 365 44.12 7.72 12.17
C ARG A 365 43.30 6.57 11.64
N LEU A 366 43.51 6.24 10.36
CA LEU A 366 42.74 5.21 9.69
C LEU A 366 43.57 4.28 8.83
N ASP A 367 42.98 3.15 8.48
CA ASP A 367 43.62 2.16 7.62
C ASP A 367 42.89 2.19 6.28
N PRO A 368 43.44 2.91 5.31
CA PRO A 368 42.93 3.10 3.96
C PRO A 368 42.43 1.84 3.27
N SER A 369 43.29 0.84 3.19
CA SER A 369 42.97 -0.41 2.51
C SER A 369 41.67 -1.04 2.99
N THR A 370 41.51 -1.13 4.31
CA THR A 370 40.31 -1.73 4.86
C THR A 370 39.14 -0.78 4.88
N LEU A 371 39.42 0.51 5.04
CA LEU A 371 38.32 1.45 5.02
C LEU A 371 37.67 1.31 3.63
N VAL A 372 38.50 1.37 2.60
CA VAL A 372 38.03 1.25 1.22
C VAL A 372 37.24 -0.05 0.98
N GLN A 373 37.81 -1.19 1.40
CA GLN A 373 37.14 -2.49 1.25
C GLN A 373 35.74 -2.46 1.88
N TRP A 374 35.65 -1.84 3.05
CA TRP A 374 34.42 -1.69 3.81
C TRP A 374 33.37 -0.88 3.03
N LEU A 375 33.75 0.31 2.61
CA LEU A 375 32.88 1.21 1.87
C LEU A 375 32.28 0.58 0.61
N ASN A 376 33.08 -0.22 -0.10
CA ASN A 376 32.62 -0.86 -1.33
C ASN A 376 31.93 -2.21 -1.06
N SER A 377 31.86 -2.63 0.19
CA SER A 377 31.27 -3.93 0.52
C SER A 377 29.81 -4.12 0.15
N GLU A 378 29.42 -5.39 -0.02
CA GLU A 378 28.05 -5.74 -0.36
C GLU A 378 27.11 -5.40 0.79
N ALA A 379 27.68 -5.26 1.98
CA ALA A 379 26.93 -4.91 3.18
C ALA A 379 26.60 -3.43 3.15
N MET A 380 27.57 -2.63 2.71
CA MET A 380 27.37 -1.19 2.63
C MET A 380 26.33 -0.82 1.57
N GLN A 381 26.30 -1.55 0.46
CA GLN A 381 25.34 -1.27 -0.64
C GLN A 381 23.89 -1.59 -0.21
N LYS A 382 23.70 -2.73 0.44
CA LYS A 382 22.38 -3.14 0.91
C LYS A 382 21.85 -2.13 1.94
N HIS A 383 22.77 -1.59 2.74
CA HIS A 383 22.44 -0.60 3.78
C HIS A 383 21.87 0.66 3.14
N VAL A 384 22.63 1.24 2.21
CA VAL A 384 22.23 2.44 1.50
C VAL A 384 20.98 2.23 0.63
N ARG A 385 20.82 1.04 0.08
CA ARG A 385 19.68 0.67 -0.76
C ARG A 385 18.39 0.55 0.04
N THR A 386 18.48 -0.08 1.21
CA THR A 386 17.32 -0.27 2.10
C THR A 386 16.77 1.08 2.58
N LEU A 387 17.66 1.92 3.08
CA LEU A 387 17.29 3.24 3.60
C LEU A 387 16.76 4.25 2.59
N TYR A 388 17.46 4.47 1.49
CA TYR A 388 17.06 5.49 0.53
C TYR A 388 16.47 5.05 -0.80
N ARG A 389 16.34 3.75 -1.00
CA ARG A 389 15.80 3.22 -2.24
C ARG A 389 16.19 4.05 -3.45
N ASP A 390 15.22 4.46 -4.25
CA ASP A 390 15.48 5.27 -5.44
C ASP A 390 14.88 6.68 -5.32
N PHE A 391 14.85 7.22 -4.10
CA PHE A 391 14.29 8.55 -3.87
C PHE A 391 14.96 9.54 -4.79
N VAL A 392 16.28 9.54 -4.79
CA VAL A 392 17.04 10.45 -5.65
C VAL A 392 17.96 9.63 -6.55
N PRO A 393 18.40 10.21 -7.67
CA PRO A 393 19.27 9.52 -8.63
C PRO A 393 20.75 9.37 -8.30
N HIS A 394 21.20 9.97 -7.20
CA HIS A 394 22.62 9.87 -6.84
C HIS A 394 22.84 10.06 -5.35
N LEU A 395 23.94 9.50 -4.84
CA LEU A 395 24.28 9.63 -3.43
C LEU A 395 24.42 11.13 -3.11
N THR A 396 23.92 11.56 -1.96
CA THR A 396 24.01 12.96 -1.57
C THR A 396 24.87 13.14 -0.31
N LEU A 397 25.34 14.37 -0.08
CA LEU A 397 26.18 14.70 1.06
C LEU A 397 25.61 14.21 2.39
N ARG A 398 24.31 14.39 2.60
CA ARG A 398 23.65 13.95 3.83
C ARG A 398 23.68 12.44 4.01
N MET A 399 23.54 11.68 2.92
CA MET A 399 23.59 10.23 2.99
C MET A 399 25.02 9.79 3.29
N LEU A 400 25.98 10.42 2.62
CA LEU A 400 27.37 10.09 2.80
C LEU A 400 27.90 10.26 4.21
N GLU A 401 27.67 11.44 4.80
CA GLU A 401 28.17 11.73 6.15
C GLU A 401 27.66 10.87 7.31
N ARG A 402 26.62 10.07 7.08
CA ARG A 402 26.10 9.21 8.12
C ARG A 402 26.51 7.78 7.91
N LEU A 403 27.26 7.49 6.85
CA LEU A 403 27.68 6.11 6.63
C LEU A 403 28.54 5.73 7.83
N PRO A 404 28.28 4.55 8.43
CA PRO A 404 29.02 4.08 9.59
C PRO A 404 30.36 3.44 9.26
N VAL A 405 31.39 3.93 9.92
CA VAL A 405 32.75 3.42 9.77
C VAL A 405 32.95 2.51 10.97
N ARG A 406 33.03 1.23 10.69
CA ARG A 406 33.22 0.22 11.71
C ARG A 406 34.52 0.50 12.45
N ARG A 407 34.39 0.61 13.77
CA ARG A 407 35.48 0.91 14.71
C ARG A 407 36.95 0.60 14.41
N GLU A 408 37.24 -0.55 13.83
CA GLU A 408 38.63 -0.90 13.56
C GLU A 408 39.24 -0.40 12.25
N TYR A 409 38.53 0.46 11.52
CA TYR A 409 39.07 1.00 10.28
C TYR A 409 39.64 2.38 10.47
N GLY A 410 39.03 3.16 11.36
CA GLY A 410 39.46 4.52 11.64
C GLY A 410 38.89 5.01 12.96
N PHE A 411 39.71 5.74 13.72
CA PHE A 411 39.30 6.25 15.03
C PHE A 411 39.97 7.60 15.32
N HIS A 412 39.37 8.38 16.20
CA HIS A 412 39.94 9.67 16.56
C HIS A 412 40.78 9.53 17.83
N THR A 413 42.04 9.91 17.74
CA THR A 413 42.96 9.85 18.88
C THR A 413 43.27 11.24 19.42
N VAL B 21 1.12 -12.23 8.28
CA VAL B 21 0.67 -11.02 9.03
C VAL B 21 1.11 -11.09 10.49
N GLU B 22 1.76 -10.02 10.95
CA GLU B 22 2.25 -9.97 12.34
C GLU B 22 1.15 -9.58 13.33
N THR B 23 1.19 -10.15 14.53
CA THR B 23 0.18 -9.84 15.54
C THR B 23 0.58 -8.68 16.43
N PRO B 24 -0.16 -7.56 16.37
CA PRO B 24 0.15 -6.41 17.20
C PRO B 24 0.01 -6.77 18.69
N PRO B 25 0.76 -6.11 19.57
CA PRO B 25 0.70 -6.38 21.01
C PRO B 25 -0.71 -6.20 21.60
N GLU B 26 -1.38 -5.11 21.27
CA GLU B 26 -2.73 -4.88 21.79
C GLU B 26 -3.75 -5.93 21.35
N VAL B 27 -3.56 -6.51 20.18
CA VAL B 27 -4.48 -7.55 19.72
C VAL B 27 -4.21 -8.78 20.58
N VAL B 28 -2.93 -9.06 20.82
CA VAL B 28 -2.55 -10.20 21.63
C VAL B 28 -3.15 -10.02 23.01
N ASP B 29 -3.09 -8.80 23.52
CA ASP B 29 -3.65 -8.49 24.84
C ASP B 29 -5.14 -8.78 24.87
N PHE B 30 -5.84 -8.36 23.84
CA PHE B 30 -7.29 -8.56 23.73
C PHE B 30 -7.67 -10.05 23.76
N MET B 31 -6.92 -10.87 23.05
CA MET B 31 -7.17 -12.30 23.01
C MET B 31 -6.88 -12.98 24.35
N VAL B 32 -5.82 -12.58 25.01
CA VAL B 32 -5.48 -13.17 26.30
C VAL B 32 -6.54 -12.91 27.36
N SER B 33 -7.21 -11.76 27.27
CA SER B 33 -8.26 -11.44 28.25
C SER B 33 -9.58 -12.16 27.98
N LEU B 34 -9.69 -12.80 26.83
CA LEU B 34 -10.89 -13.56 26.48
C LEU B 34 -10.64 -15.01 26.84
N ALA B 35 -9.37 -15.33 27.08
CA ALA B 35 -8.92 -16.68 27.40
C ALA B 35 -9.02 -17.03 28.87
N GLU B 36 -9.46 -18.25 29.15
CA GLU B 36 -9.61 -18.76 30.51
C GLU B 36 -9.33 -20.26 30.48
N ALA B 37 -8.74 -20.75 31.57
CA ALA B 37 -8.42 -22.17 31.69
C ALA B 37 -8.26 -22.48 33.17
N PRO B 38 -8.62 -23.70 33.58
CA PRO B 38 -8.52 -24.13 34.99
C PRO B 38 -7.04 -24.29 35.40
N ARG B 39 -6.75 -24.11 36.68
CA ARG B 39 -5.39 -24.27 37.15
C ARG B 39 -5.03 -25.71 36.88
N GLY B 40 -3.82 -25.93 36.39
CA GLY B 40 -3.39 -27.28 36.05
C GLY B 40 -3.80 -27.67 34.64
N GLY B 41 -4.62 -26.83 34.00
CA GLY B 41 -5.06 -27.11 32.64
C GLY B 41 -3.99 -26.91 31.60
N ARG B 42 -4.10 -27.68 30.51
CA ARG B 42 -3.16 -27.62 29.40
C ARG B 42 -3.48 -26.49 28.44
N VAL B 43 -2.48 -25.68 28.14
CA VAL B 43 -2.59 -24.55 27.24
C VAL B 43 -1.72 -24.87 26.04
N LEU B 44 -2.26 -24.74 24.83
CA LEU B 44 -1.51 -25.06 23.62
C LEU B 44 -1.53 -23.95 22.58
N GLU B 45 -0.41 -23.77 21.90
CA GLU B 45 -0.31 -22.77 20.83
C GLU B 45 0.18 -23.42 19.55
N PRO B 46 -0.72 -23.64 18.56
CA PRO B 46 -0.38 -24.25 17.28
C PRO B 46 0.42 -23.26 16.44
N ALA B 47 1.50 -23.73 15.79
CA ALA B 47 2.34 -22.87 14.94
C ALA B 47 2.96 -21.74 15.77
N CYS B 48 3.51 -22.11 16.91
CA CYS B 48 4.09 -21.18 17.89
C CYS B 48 5.33 -20.33 17.64
N ALA B 49 6.31 -20.84 16.90
CA ALA B 49 7.55 -20.09 16.70
C ALA B 49 8.18 -19.88 18.10
N HIS B 50 8.27 -18.65 18.57
CA HIS B 50 8.84 -18.40 19.89
C HIS B 50 7.78 -18.35 21.00
N GLY B 51 6.56 -18.76 20.66
CA GLY B 51 5.48 -18.79 21.63
C GLY B 51 4.95 -17.50 22.21
N PRO B 52 4.52 -16.54 21.37
CA PRO B 52 3.99 -15.23 21.81
C PRO B 52 2.74 -15.29 22.71
N PHE B 53 1.84 -16.22 22.43
CA PHE B 53 0.63 -16.36 23.23
C PHE B 53 0.87 -17.13 24.52
N LEU B 54 1.79 -18.08 24.50
CA LEU B 54 2.14 -18.86 25.67
C LEU B 54 2.70 -17.88 26.71
N ARG B 55 3.60 -17.01 26.24
CA ARG B 55 4.24 -15.98 27.06
C ARG B 55 3.27 -14.93 27.62
N ALA B 56 2.43 -14.38 26.76
CA ALA B 56 1.46 -13.39 27.21
C ALA B 56 0.45 -13.95 28.21
N PHE B 57 0.01 -15.20 27.99
CA PHE B 57 -0.95 -15.83 28.89
C PHE B 57 -0.36 -16.03 30.28
N ARG B 58 0.86 -16.55 30.34
CA ARG B 58 1.54 -16.79 31.62
C ARG B 58 1.69 -15.52 32.47
N GLU B 59 2.02 -14.42 31.82
CA GLU B 59 2.19 -13.16 32.49
C GLU B 59 0.89 -12.59 32.99
N ALA B 60 -0.21 -12.90 32.31
CA ALA B 60 -1.50 -12.36 32.72
C ALA B 60 -2.31 -13.31 33.59
N HIS B 61 -2.17 -14.61 33.36
CA HIS B 61 -2.93 -15.60 34.12
C HIS B 61 -2.14 -16.47 35.10
N GLY B 62 -0.81 -16.36 35.10
CA GLY B 62 0.00 -17.14 36.02
C GLY B 62 0.71 -18.36 35.47
N THR B 63 1.49 -19.00 36.33
CA THR B 63 2.29 -20.18 36.00
C THR B 63 1.67 -21.56 36.26
N GLY B 64 0.52 -21.61 36.92
CA GLY B 64 -0.10 -22.88 37.25
C GLY B 64 -0.79 -23.65 36.13
N TYR B 65 -0.10 -23.85 35.00
CA TYR B 65 -0.68 -24.58 33.86
C TYR B 65 0.40 -25.37 33.08
N ARG B 66 -0.02 -26.27 32.20
CA ARG B 66 0.93 -27.00 31.38
C ARG B 66 0.95 -26.30 30.01
N PHE B 67 2.12 -25.81 29.61
CA PHE B 67 2.27 -25.11 28.34
C PHE B 67 2.93 -25.96 27.26
N VAL B 68 2.28 -26.03 26.10
CA VAL B 68 2.76 -26.82 24.96
C VAL B 68 2.75 -25.94 23.69
N GLY B 69 3.70 -26.17 22.80
CA GLY B 69 3.76 -25.42 21.57
C GLY B 69 4.14 -26.37 20.45
N VAL B 70 3.44 -26.28 19.32
CA VAL B 70 3.72 -27.14 18.17
C VAL B 70 4.26 -26.32 17.00
N GLU B 71 5.49 -26.60 16.59
CA GLU B 71 6.12 -25.89 15.49
C GLU B 71 6.73 -26.89 14.51
N ILE B 72 6.53 -26.66 13.22
CA ILE B 72 7.03 -27.54 12.17
C ILE B 72 8.46 -27.27 11.71
N ASP B 73 8.91 -26.03 11.90
CA ASP B 73 10.24 -25.62 11.51
C ASP B 73 11.14 -25.53 12.75
N PRO B 74 12.11 -26.46 12.89
CA PRO B 74 13.04 -26.51 14.02
C PRO B 74 13.85 -25.22 14.17
N LYS B 75 14.00 -24.50 13.08
CA LYS B 75 14.75 -23.25 13.11
C LYS B 75 13.90 -22.15 13.74
N ALA B 76 12.59 -22.34 13.74
CA ALA B 76 11.65 -21.35 14.30
C ALA B 76 11.28 -21.62 15.75
N LEU B 77 11.31 -22.89 16.15
CA LEU B 77 10.96 -23.30 17.49
C LEU B 77 11.94 -22.72 18.52
N ASP B 78 11.46 -21.72 19.27
CA ASP B 78 12.25 -21.02 20.29
C ASP B 78 11.40 -20.70 21.53
N LEU B 79 11.11 -21.73 22.33
CA LEU B 79 10.29 -21.60 23.53
C LEU B 79 11.09 -21.61 24.82
N PRO B 80 10.65 -20.84 25.82
CA PRO B 80 11.34 -20.79 27.11
C PRO B 80 11.21 -22.13 27.81
N PRO B 81 12.11 -22.40 28.79
CA PRO B 81 12.20 -23.61 29.61
C PRO B 81 10.91 -24.16 30.20
N TRP B 82 10.04 -23.28 30.68
CA TRP B 82 8.78 -23.72 31.28
C TRP B 82 7.78 -24.27 30.28
N ALA B 83 8.08 -24.12 29.00
CA ALA B 83 7.18 -24.60 27.94
C ALA B 83 7.70 -25.87 27.27
N GLU B 84 6.79 -26.74 26.88
CA GLU B 84 7.13 -27.99 26.20
C GLU B 84 6.99 -27.75 24.70
N GLY B 85 8.06 -28.01 23.94
CA GLY B 85 8.01 -27.81 22.51
C GLY B 85 7.85 -29.07 21.67
N ILE B 86 6.95 -29.03 20.68
CA ILE B 86 6.73 -30.17 19.80
C ILE B 86 7.04 -29.79 18.36
N LEU B 87 7.92 -30.55 17.71
CA LEU B 87 8.28 -30.31 16.33
C LEU B 87 7.38 -31.17 15.47
N ALA B 88 6.34 -30.59 14.87
CA ALA B 88 5.43 -31.36 14.04
C ALA B 88 4.47 -30.55 13.19
N ASP B 89 3.83 -31.21 12.23
CA ASP B 89 2.83 -30.60 11.37
C ASP B 89 1.54 -30.69 12.16
N PHE B 90 1.18 -29.59 12.82
CA PHE B 90 -0.03 -29.55 13.64
C PHE B 90 -1.21 -30.27 13.00
N LEU B 91 -1.43 -30.02 11.71
CA LEU B 91 -2.53 -30.62 10.97
C LEU B 91 -2.54 -32.14 10.92
N LEU B 92 -1.37 -32.75 11.09
CA LEU B 92 -1.26 -34.20 11.06
C LEU B 92 -0.82 -34.74 12.42
N TRP B 93 -0.80 -33.88 13.43
CA TRP B 93 -0.37 -34.28 14.75
C TRP B 93 -1.51 -34.91 15.54
N GLU B 94 -1.26 -36.06 16.14
CA GLU B 94 -2.25 -36.75 16.97
C GLU B 94 -1.60 -36.98 18.33
N PRO B 95 -1.85 -36.07 19.28
CA PRO B 95 -1.32 -36.11 20.64
C PRO B 95 -1.86 -37.17 21.59
N GLY B 96 -3.06 -37.66 21.33
CA GLY B 96 -3.65 -38.64 22.22
C GLY B 96 -4.04 -38.00 23.55
N GLU B 97 -4.04 -36.67 23.57
CA GLU B 97 -4.40 -35.88 24.74
C GLU B 97 -5.31 -34.75 24.23
N ALA B 98 -6.15 -34.22 25.12
CA ALA B 98 -7.06 -33.15 24.78
C ALA B 98 -6.69 -31.92 25.61
N PHE B 99 -6.92 -30.73 25.07
CA PHE B 99 -6.53 -29.52 25.78
C PHE B 99 -7.68 -28.71 26.32
N ASP B 100 -7.37 -27.84 27.27
CA ASP B 100 -8.37 -27.00 27.91
C ASP B 100 -8.53 -25.68 27.19
N LEU B 101 -7.40 -25.16 26.70
CA LEU B 101 -7.38 -23.87 26.04
C LEU B 101 -6.42 -23.94 24.85
N ILE B 102 -6.83 -23.39 23.72
CA ILE B 102 -5.99 -23.35 22.53
C ILE B 102 -6.06 -21.94 22.01
N LEU B 103 -4.90 -21.31 21.83
CA LEU B 103 -4.87 -19.96 21.29
C LEU B 103 -3.75 -19.74 20.31
N GLY B 104 -3.95 -18.84 19.38
CA GLY B 104 -2.90 -18.57 18.42
C GLY B 104 -3.34 -17.89 17.15
N ASN B 105 -2.34 -17.68 16.28
CA ASN B 105 -2.54 -17.06 14.99
C ASN B 105 -2.07 -18.10 14.00
N PRO B 106 -3.02 -18.79 13.34
CA PRO B 106 -2.65 -19.83 12.37
C PRO B 106 -2.26 -19.19 11.04
N PRO B 107 -1.46 -19.91 10.24
CA PRO B 107 -1.06 -19.33 8.96
C PRO B 107 -2.29 -19.22 8.06
N TYR B 108 -2.35 -18.15 7.28
CA TYR B 108 -3.45 -17.93 6.35
C TYR B 108 -2.93 -18.34 4.97
N GLY B 109 -3.80 -18.85 4.11
CA GLY B 109 -3.35 -19.22 2.78
C GLY B 109 -3.67 -20.62 2.30
N ILE B 110 -3.45 -20.84 1.00
CA ILE B 110 -3.69 -22.13 0.36
C ILE B 110 -2.33 -22.79 0.10
N VAL B 111 -2.35 -24.03 -0.35
CA VAL B 111 -1.11 -24.77 -0.62
C VAL B 111 -1.00 -25.25 -2.08
N LYS B 123 -0.39 -30.56 -2.22
CA LYS B 123 -0.48 -31.55 -3.31
C LYS B 123 0.08 -32.86 -2.79
N ALA B 124 -0.85 -33.56 -2.17
CA ALA B 124 -0.68 -34.88 -1.55
C ALA B 124 -0.54 -34.54 -0.08
N VAL B 125 0.21 -33.48 0.24
CA VAL B 125 0.29 -33.00 1.62
C VAL B 125 -1.14 -32.38 1.64
N LYS B 126 -1.50 -31.75 0.51
CA LYS B 126 -2.84 -31.18 0.32
C LYS B 126 -3.80 -32.36 0.27
N ASP B 127 -3.75 -33.16 -0.80
CA ASP B 127 -4.59 -34.34 -0.91
C ASP B 127 -4.83 -35.05 0.42
N LEU B 128 -3.74 -35.28 1.16
CA LEU B 128 -3.78 -35.91 2.47
C LEU B 128 -4.74 -35.13 3.36
N TYR B 129 -4.52 -33.82 3.41
CA TYR B 129 -5.34 -32.90 4.18
C TYR B 129 -6.81 -33.08 3.83
N LYS B 130 -7.12 -33.12 2.53
CA LYS B 130 -8.48 -33.27 2.06
C LYS B 130 -9.15 -34.49 2.66
N LYS B 131 -8.37 -35.55 2.77
CA LYS B 131 -8.86 -36.79 3.34
C LYS B 131 -9.08 -36.54 4.82
N ALA B 132 -8.11 -35.87 5.43
CA ALA B 132 -8.14 -35.59 6.85
C ALA B 132 -9.21 -34.62 7.35
N PHE B 133 -9.58 -33.64 6.54
CA PHE B 133 -10.56 -32.64 6.98
C PHE B 133 -11.89 -32.62 6.26
N SER B 134 -12.94 -32.77 7.05
CA SER B 134 -14.32 -32.78 6.55
C SER B 134 -14.87 -31.43 6.09
N THR B 135 -14.40 -30.35 6.67
CA THR B 135 -14.90 -29.03 6.27
C THR B 135 -14.15 -28.50 5.06
N TRP B 136 -13.23 -29.30 4.51
CA TRP B 136 -12.44 -28.88 3.35
C TRP B 136 -13.30 -28.79 2.10
N LYS B 137 -13.41 -27.58 1.56
CA LYS B 137 -14.22 -27.34 0.36
C LYS B 137 -13.51 -26.36 -0.57
N GLY B 138 -13.60 -26.64 -1.87
CA GLY B 138 -12.98 -25.79 -2.87
C GLY B 138 -11.49 -25.63 -2.62
N LYS B 139 -11.00 -24.41 -2.86
CA LYS B 139 -9.59 -24.09 -2.67
C LYS B 139 -9.28 -24.15 -1.18
N TYR B 140 -10.27 -23.75 -0.39
CA TYR B 140 -10.19 -23.72 1.06
C TYR B 140 -9.04 -22.81 1.51
N ASN B 141 -8.61 -22.97 2.75
CA ASN B 141 -7.56 -22.13 3.28
C ASN B 141 -7.03 -22.81 4.53
N LEU B 142 -5.72 -22.78 4.72
CA LEU B 142 -5.10 -23.41 5.89
C LEU B 142 -5.71 -23.00 7.23
N TYR B 143 -6.13 -21.74 7.36
CA TYR B 143 -6.72 -21.31 8.63
C TYR B 143 -8.02 -22.07 8.94
N GLY B 144 -8.67 -22.58 7.90
CA GLY B 144 -9.89 -23.34 8.08
C GLY B 144 -9.56 -24.71 8.65
N ALA B 145 -8.51 -25.33 8.11
CA ALA B 145 -8.09 -26.64 8.57
C ALA B 145 -7.59 -26.55 10.02
N PHE B 146 -6.83 -25.51 10.33
CA PHE B 146 -6.34 -25.32 11.71
C PHE B 146 -7.50 -25.20 12.68
N LEU B 147 -8.58 -24.54 12.26
CA LEU B 147 -9.77 -24.37 13.08
C LEU B 147 -10.43 -25.73 13.37
N GLU B 148 -10.72 -26.51 12.33
CA GLU B 148 -11.34 -27.82 12.51
C GLU B 148 -10.47 -28.70 13.40
N LYS B 149 -9.17 -28.70 13.13
CA LYS B 149 -8.20 -29.48 13.91
C LYS B 149 -8.22 -29.08 15.38
N ALA B 150 -8.12 -27.79 15.65
CA ALA B 150 -8.12 -27.27 17.02
C ALA B 150 -9.39 -27.64 17.77
N VAL B 151 -10.54 -27.51 17.13
CA VAL B 151 -11.81 -27.86 17.78
C VAL B 151 -11.85 -29.35 18.17
N ARG B 152 -11.19 -30.20 17.39
CA ARG B 152 -11.15 -31.63 17.66
C ARG B 152 -10.20 -32.03 18.78
N LEU B 153 -9.22 -31.18 19.11
CA LEU B 153 -8.27 -31.50 20.17
C LEU B 153 -8.75 -30.89 21.50
N LEU B 154 -9.96 -30.36 21.50
CA LEU B 154 -10.54 -29.71 22.67
C LEU B 154 -11.31 -30.63 23.61
N LYS B 155 -11.06 -30.51 24.91
CA LYS B 155 -11.78 -31.30 25.90
C LYS B 155 -13.18 -30.68 25.93
N PRO B 156 -14.19 -31.45 26.34
CA PRO B 156 -15.55 -30.89 26.39
C PRO B 156 -15.57 -29.66 27.29
N GLY B 157 -16.07 -28.55 26.77
CA GLY B 157 -16.10 -27.34 27.57
C GLY B 157 -14.83 -26.51 27.41
N GLY B 158 -13.88 -27.04 26.64
CA GLY B 158 -12.64 -26.31 26.41
C GLY B 158 -12.88 -25.11 25.51
N VAL B 159 -11.95 -24.15 25.50
CA VAL B 159 -12.11 -22.96 24.68
C VAL B 159 -10.95 -22.75 23.74
N LEU B 160 -11.21 -22.01 22.68
CA LEU B 160 -10.25 -21.71 21.63
C LEU B 160 -10.37 -20.23 21.27
N VAL B 161 -9.23 -19.55 21.13
CA VAL B 161 -9.21 -18.13 20.76
C VAL B 161 -8.17 -18.00 19.65
N PHE B 162 -8.63 -17.65 18.45
CA PHE B 162 -7.81 -17.52 17.25
C PHE B 162 -8.11 -16.20 16.51
N VAL B 163 -7.11 -15.60 15.85
CA VAL B 163 -7.29 -14.39 15.04
C VAL B 163 -7.26 -14.94 13.62
N VAL B 164 -8.32 -14.73 12.85
CA VAL B 164 -8.35 -15.22 11.49
C VAL B 164 -9.01 -14.21 10.54
N PRO B 165 -8.86 -14.42 9.22
CA PRO B 165 -9.49 -13.49 8.28
C PRO B 165 -11.02 -13.54 8.40
N ALA B 166 -11.69 -12.50 7.94
CA ALA B 166 -13.14 -12.42 8.01
C ALA B 166 -13.89 -13.11 6.85
N THR B 167 -13.16 -13.63 5.88
CA THR B 167 -13.78 -14.27 4.71
C THR B 167 -14.71 -15.43 4.99
N TRP B 168 -14.43 -16.21 6.01
CA TRP B 168 -15.29 -17.35 6.32
C TRP B 168 -16.72 -16.99 6.71
N LEU B 169 -16.99 -15.70 6.95
CA LEU B 169 -18.33 -15.27 7.34
C LEU B 169 -19.32 -15.26 6.18
N VAL B 170 -18.84 -14.98 4.96
CA VAL B 170 -19.68 -14.89 3.76
C VAL B 170 -19.38 -15.83 2.57
N LEU B 171 -18.15 -16.28 2.42
CA LEU B 171 -17.78 -17.16 1.32
C LEU B 171 -18.33 -18.58 1.43
N GLU B 172 -18.71 -19.16 0.29
CA GLU B 172 -19.25 -20.51 0.28
C GLU B 172 -18.23 -21.63 0.45
N ASP B 173 -16.96 -21.34 0.26
CA ASP B 173 -15.94 -22.37 0.47
C ASP B 173 -15.89 -22.72 1.95
N PHE B 174 -16.42 -21.82 2.77
CA PHE B 174 -16.42 -21.99 4.21
C PHE B 174 -17.79 -22.35 4.79
N ALA B 175 -18.72 -22.70 3.90
CA ALA B 175 -20.07 -23.08 4.31
C ALA B 175 -20.07 -24.32 5.18
N LEU B 176 -19.19 -25.27 4.87
CA LEU B 176 -19.13 -26.48 5.69
C LEU B 176 -18.48 -26.18 7.05
N LEU B 177 -17.58 -25.20 7.08
CA LEU B 177 -16.91 -24.82 8.32
C LEU B 177 -17.90 -24.20 9.27
N ARG B 178 -18.72 -23.28 8.77
CA ARG B 178 -19.74 -22.63 9.57
C ARG B 178 -20.69 -23.64 10.21
N GLU B 179 -21.09 -24.66 9.46
CA GLU B 179 -21.98 -25.70 9.98
C GLU B 179 -21.32 -26.50 11.09
N PHE B 180 -20.05 -26.86 10.88
CA PHE B 180 -19.27 -27.62 11.86
C PHE B 180 -19.22 -26.86 13.19
N LEU B 181 -18.82 -25.60 13.14
CA LEU B 181 -18.77 -24.75 14.32
C LEU B 181 -20.15 -24.60 14.96
N ALA B 182 -21.16 -24.39 14.12
CA ALA B 182 -22.52 -24.23 14.61
C ALA B 182 -22.99 -25.42 15.41
N ARG B 183 -22.59 -26.63 15.03
CA ARG B 183 -23.05 -27.79 15.78
C ARG B 183 -22.14 -28.32 16.87
N GLU B 184 -20.88 -27.89 16.90
CA GLU B 184 -19.95 -28.38 17.91
C GLU B 184 -19.86 -27.55 19.18
N GLY B 185 -20.35 -26.31 19.18
CA GLY B 185 -20.26 -25.49 20.37
C GLY B 185 -20.87 -24.10 20.17
N LYS B 186 -20.63 -23.17 21.10
CA LYS B 186 -21.14 -21.80 20.94
C LYS B 186 -20.01 -20.94 20.40
N THR B 187 -20.33 -20.06 19.47
CA THR B 187 -19.35 -19.21 18.82
C THR B 187 -19.53 -17.72 19.03
N SER B 188 -18.44 -17.03 19.32
CA SER B 188 -18.42 -15.58 19.51
C SER B 188 -17.44 -15.01 18.48
N VAL B 189 -17.92 -14.08 17.66
CA VAL B 189 -17.11 -13.45 16.65
C VAL B 189 -16.95 -11.98 16.97
N TYR B 190 -15.70 -11.53 17.14
CA TYR B 190 -15.36 -10.12 17.43
C TYR B 190 -14.69 -9.51 16.20
N TYR B 191 -15.30 -8.48 15.63
CA TYR B 191 -14.77 -7.82 14.45
C TYR B 191 -13.63 -6.86 14.82
N LEU B 192 -12.43 -7.08 14.27
CA LEU B 192 -11.28 -6.21 14.55
C LEU B 192 -11.02 -5.30 13.35
N GLY B 193 -11.16 -5.87 12.15
CA GLY B 193 -10.96 -5.11 10.94
C GLY B 193 -9.56 -5.27 10.38
N GLU B 194 -9.09 -4.28 9.65
CA GLU B 194 -7.74 -4.31 9.06
C GLU B 194 -6.73 -3.79 10.08
N VAL B 195 -6.40 -4.65 11.03
CA VAL B 195 -5.50 -4.31 12.11
C VAL B 195 -4.03 -4.68 11.91
N PHE B 196 -3.73 -5.47 10.89
CA PHE B 196 -2.34 -5.87 10.62
C PHE B 196 -1.70 -4.77 9.77
N PRO B 197 -0.38 -4.61 9.87
CA PRO B 197 0.25 -3.57 9.07
C PRO B 197 -0.03 -3.76 7.57
N GLN B 198 -0.31 -5.00 7.17
CA GLN B 198 -0.65 -5.32 5.77
C GLN B 198 -2.17 -5.06 5.67
N LYS B 199 -2.55 -4.00 4.95
CA LYS B 199 -3.95 -3.57 4.84
C LYS B 199 -5.03 -4.25 4.00
N LYS B 200 -4.74 -5.30 3.24
CA LYS B 200 -5.86 -5.89 2.47
C LYS B 200 -6.61 -7.02 3.20
N VAL B 201 -6.31 -7.20 4.48
CA VAL B 201 -6.92 -8.24 5.30
C VAL B 201 -7.69 -7.74 6.52
N SER B 202 -9.00 -8.00 6.53
CA SER B 202 -9.89 -7.63 7.61
C SER B 202 -9.89 -8.84 8.56
N ALA B 203 -9.52 -8.62 9.81
CA ALA B 203 -9.43 -9.69 10.79
C ALA B 203 -10.64 -9.79 11.72
N VAL B 204 -10.78 -10.96 12.31
CA VAL B 204 -11.89 -11.25 13.20
C VAL B 204 -11.30 -12.19 14.25
N VAL B 205 -11.73 -12.04 15.51
CA VAL B 205 -11.27 -12.92 16.60
C VAL B 205 -12.46 -13.82 16.91
N ILE B 206 -12.24 -15.13 16.89
CA ILE B 206 -13.31 -16.05 17.22
C ILE B 206 -13.00 -16.73 18.55
N ARG B 207 -13.96 -16.69 19.47
CA ARG B 207 -13.80 -17.37 20.75
C ARG B 207 -14.84 -18.48 20.67
N PHE B 208 -14.39 -19.72 20.79
CA PHE B 208 -15.30 -20.86 20.69
C PHE B 208 -15.20 -21.76 21.91
N GLN B 209 -16.34 -22.19 22.43
CA GLN B 209 -16.37 -23.08 23.59
C GLN B 209 -17.16 -24.33 23.22
N LYS B 210 -16.57 -25.49 23.46
CA LYS B 210 -17.20 -26.75 23.11
C LYS B 210 -18.39 -27.11 24.00
N SER B 211 -19.44 -26.29 23.90
CA SER B 211 -20.69 -26.45 24.67
C SER B 211 -21.83 -25.85 23.83
N GLY B 212 -22.13 -26.48 22.70
CA GLY B 212 -23.17 -26.04 21.76
C GLY B 212 -24.16 -25.02 22.26
N LYS B 213 -24.19 -23.84 21.66
CA LYS B 213 -25.10 -22.79 22.12
C LYS B 213 -25.17 -21.51 21.28
N GLY B 214 -25.37 -21.64 19.97
CA GLY B 214 -25.51 -20.45 19.14
C GLY B 214 -24.32 -19.57 18.76
N LEU B 215 -24.61 -18.35 18.35
CA LEU B 215 -23.59 -17.40 17.89
C LEU B 215 -23.88 -16.00 18.43
N SER B 216 -22.81 -15.28 18.80
CA SER B 216 -22.89 -13.91 19.31
C SER B 216 -21.97 -13.08 18.42
N LEU B 217 -22.48 -11.98 17.87
CA LEU B 217 -21.69 -11.12 17.01
C LEU B 217 -21.33 -9.86 17.81
N TRP B 218 -20.03 -9.57 17.88
CA TRP B 218 -19.55 -8.40 18.62
C TRP B 218 -18.80 -7.41 17.76
N ASP B 219 -19.01 -6.13 18.04
CA ASP B 219 -18.28 -5.12 17.31
C ASP B 219 -17.13 -4.80 18.25
N THR B 220 -16.26 -3.89 17.85
CA THR B 220 -15.11 -3.58 18.68
C THR B 220 -14.72 -2.11 18.56
N GLN B 221 -14.27 -1.55 19.65
CA GLN B 221 -13.85 -0.14 19.69
C GLN B 221 -12.35 -0.09 19.93
N GLU B 222 -11.65 0.69 19.12
CA GLU B 222 -10.21 0.84 19.22
C GLU B 222 -9.85 2.12 19.95
N SER B 223 -8.97 2.03 20.94
CA SER B 223 -8.57 3.21 21.70
C SER B 223 -7.12 3.15 22.20
N GLU B 224 -6.81 3.96 23.21
CA GLU B 224 -5.47 4.03 23.80
C GLU B 224 -5.14 2.74 24.55
N SER B 225 -6.10 2.25 25.34
CA SER B 225 -5.94 1.04 26.13
C SER B 225 -5.87 -0.24 25.29
N GLY B 226 -6.58 -0.25 24.17
CA GLY B 226 -6.59 -1.42 23.31
C GLY B 226 -7.96 -1.50 22.67
N PHE B 227 -8.59 -2.66 22.75
CA PHE B 227 -9.91 -2.85 22.18
C PHE B 227 -10.98 -3.02 23.24
N THR B 228 -12.17 -2.53 22.93
CA THR B 228 -13.32 -2.62 23.82
C THR B 228 -14.44 -3.21 22.98
N PRO B 229 -14.92 -4.40 23.34
CA PRO B 229 -16.00 -5.06 22.60
C PRO B 229 -17.37 -4.48 22.88
N ILE B 230 -18.26 -4.61 21.92
CA ILE B 230 -19.63 -4.12 22.03
C ILE B 230 -20.53 -5.18 21.38
N LEU B 231 -21.41 -5.79 22.17
CA LEU B 231 -22.30 -6.82 21.66
C LEU B 231 -23.23 -6.21 20.63
N TRP B 232 -23.29 -6.82 19.45
CA TRP B 232 -24.13 -6.34 18.36
C TRP B 232 -25.44 -7.10 18.25
N ALA B 233 -25.35 -8.41 18.16
CA ALA B 233 -26.55 -9.24 18.02
C ALA B 233 -26.23 -10.64 18.45
N GLU B 234 -27.26 -11.42 18.76
CA GLU B 234 -27.12 -12.80 19.18
C GLU B 234 -28.01 -13.68 18.35
N TYR B 235 -27.50 -14.84 17.91
CA TYR B 235 -28.25 -15.80 17.10
C TYR B 235 -28.22 -17.16 17.80
N PRO B 236 -29.12 -17.39 18.77
CA PRO B 236 -29.14 -18.66 19.49
C PRO B 236 -29.49 -19.90 18.65
N HIS B 237 -30.11 -19.71 17.49
CA HIS B 237 -30.51 -20.82 16.62
C HIS B 237 -29.64 -20.94 15.38
N TRP B 238 -28.45 -20.36 15.42
CA TRP B 238 -27.52 -20.39 14.31
C TRP B 238 -27.20 -21.82 13.88
N GLU B 239 -27.32 -22.09 12.59
CA GLU B 239 -27.03 -23.42 12.05
C GLU B 239 -25.94 -23.37 10.98
N GLY B 240 -25.24 -22.25 10.84
CA GLY B 240 -24.19 -22.14 9.84
C GLY B 240 -24.49 -21.16 8.73
N GLU B 241 -25.52 -20.33 8.93
CA GLU B 241 -25.90 -19.34 7.92
C GLU B 241 -24.84 -18.24 7.83
N ILE B 242 -24.86 -17.48 6.74
CA ILE B 242 -23.92 -16.39 6.53
C ILE B 242 -24.09 -15.42 7.69
N ILE B 243 -22.99 -14.84 8.13
CA ILE B 243 -22.98 -13.90 9.25
C ILE B 243 -22.89 -12.47 8.70
N ARG B 244 -23.83 -11.61 9.13
CA ARG B 244 -23.91 -10.22 8.67
C ARG B 244 -24.18 -9.26 9.83
N PHE B 245 -23.83 -7.99 9.66
CA PHE B 245 -24.07 -6.99 10.67
C PHE B 245 -25.44 -6.36 10.35
N GLU B 246 -26.49 -6.97 10.87
CA GLU B 246 -27.84 -6.51 10.62
C GLU B 246 -28.29 -5.38 11.54
N THR B 247 -29.21 -4.57 11.04
CA THR B 247 -29.81 -3.47 11.78
C THR B 247 -31.30 -3.42 11.45
N GLU B 248 -32.03 -2.62 12.21
CA GLU B 248 -33.46 -2.44 12.00
C GLU B 248 -33.77 -2.07 10.55
N GLU B 249 -33.06 -1.07 10.05
CA GLU B 249 -33.21 -0.56 8.69
C GLU B 249 -32.87 -1.57 7.60
N THR B 250 -31.86 -2.41 7.82
CA THR B 250 -31.50 -3.39 6.81
C THR B 250 -32.64 -4.39 6.72
N ARG B 251 -33.27 -4.68 7.86
CA ARG B 251 -34.39 -5.60 7.90
C ARG B 251 -35.62 -5.00 7.22
N LYS B 252 -35.88 -3.72 7.48
CA LYS B 252 -37.02 -3.03 6.87
C LYS B 252 -36.85 -3.07 5.36
N LEU B 253 -35.64 -2.79 4.90
CA LEU B 253 -35.37 -2.79 3.47
C LEU B 253 -35.56 -4.15 2.80
N GLU B 254 -35.10 -5.22 3.44
CA GLU B 254 -35.23 -6.55 2.86
C GLU B 254 -36.65 -7.14 2.81
N ILE B 255 -37.52 -6.77 3.74
CA ILE B 255 -38.88 -7.30 3.75
C ILE B 255 -39.82 -6.48 2.86
N SER B 256 -39.42 -5.25 2.54
CA SER B 256 -40.25 -4.40 1.69
C SER B 256 -39.81 -4.44 0.23
N GLY B 257 -39.46 -5.63 -0.24
CA GLY B 257 -39.03 -5.75 -1.63
C GLY B 257 -38.76 -7.20 -1.95
N MET B 258 -38.51 -7.49 -3.23
CA MET B 258 -38.22 -8.87 -3.62
C MET B 258 -36.73 -8.97 -3.87
N PRO B 259 -36.11 -10.10 -3.50
CA PRO B 259 -34.67 -10.20 -3.73
C PRO B 259 -34.37 -10.31 -5.21
N LEU B 260 -33.33 -9.61 -5.63
CA LEU B 260 -32.88 -9.59 -7.02
C LEU B 260 -32.83 -11.01 -7.61
N GLY B 261 -32.36 -11.96 -6.82
CA GLY B 261 -32.26 -13.33 -7.28
C GLY B 261 -33.57 -14.03 -7.64
N ASP B 262 -34.70 -13.40 -7.35
CA ASP B 262 -35.99 -13.98 -7.69
C ASP B 262 -36.47 -13.51 -9.05
N LEU B 263 -35.99 -12.32 -9.43
CA LEU B 263 -36.38 -11.68 -10.68
C LEU B 263 -35.42 -11.91 -11.84
N PHE B 264 -34.19 -12.27 -11.54
CA PHE B 264 -33.19 -12.44 -12.59
C PHE B 264 -32.37 -13.72 -12.53
N HIS B 265 -31.79 -14.07 -13.67
CA HIS B 265 -30.89 -15.20 -13.77
C HIS B 265 -29.55 -14.45 -13.75
N ILE B 266 -28.60 -14.93 -12.97
CA ILE B 266 -27.30 -14.29 -12.87
C ILE B 266 -26.31 -15.15 -13.62
N ARG B 267 -25.86 -14.64 -14.75
CA ARG B 267 -24.94 -15.37 -15.60
C ARG B 267 -23.53 -14.79 -15.50
N PHE B 268 -22.55 -15.60 -15.89
CA PHE B 268 -21.16 -15.17 -15.87
C PHE B 268 -20.65 -15.02 -17.30
N ALA B 269 -19.69 -14.13 -17.49
CA ALA B 269 -19.13 -13.87 -18.81
C ALA B 269 -18.05 -14.89 -19.14
N ALA B 270 -17.66 -14.88 -20.41
CA ALA B 270 -16.61 -15.77 -20.90
C ALA B 270 -15.27 -15.09 -20.62
N ARG B 271 -14.21 -15.86 -20.45
CA ARG B 271 -12.90 -15.30 -20.17
C ARG B 271 -12.10 -15.02 -21.42
N SER B 272 -10.94 -14.40 -21.27
CA SER B 272 -10.07 -14.06 -22.38
C SER B 272 -9.66 -15.27 -23.21
N PRO B 273 -9.31 -16.40 -22.56
CA PRO B 273 -8.92 -17.57 -23.34
C PRO B 273 -10.01 -17.93 -24.33
N GLU B 274 -11.25 -17.98 -23.84
CA GLU B 274 -12.39 -18.31 -24.71
C GLU B 274 -12.46 -17.34 -25.88
N PHE B 275 -12.20 -16.07 -25.60
CA PHE B 275 -12.22 -15.07 -26.65
C PHE B 275 -11.06 -15.28 -27.61
N LYS B 276 -9.87 -15.50 -27.06
CA LYS B 276 -8.67 -15.68 -27.87
C LYS B 276 -8.70 -16.92 -28.76
N LYS B 277 -9.46 -17.94 -28.34
CA LYS B 277 -9.59 -19.18 -29.12
C LYS B 277 -10.72 -19.04 -30.15
N HIS B 278 -11.32 -17.87 -30.22
CA HIS B 278 -12.42 -17.66 -31.16
C HIS B 278 -12.01 -16.92 -32.43
N PRO B 279 -12.16 -17.56 -33.61
CA PRO B 279 -11.80 -16.89 -34.86
C PRO B 279 -12.84 -15.77 -34.99
N ALA B 280 -12.41 -14.62 -35.49
CA ALA B 280 -13.22 -13.41 -35.65
C ALA B 280 -12.75 -12.43 -34.59
N VAL B 281 -12.15 -12.97 -33.53
CA VAL B 281 -11.59 -12.14 -32.46
C VAL B 281 -10.23 -11.64 -32.94
N ARG B 282 -10.09 -10.32 -33.04
CA ARG B 282 -8.86 -9.69 -33.51
C ARG B 282 -8.07 -8.99 -32.41
N LYS B 283 -6.99 -8.32 -32.77
CA LYS B 283 -6.16 -7.64 -31.80
C LYS B 283 -5.86 -6.17 -32.14
N GLU B 284 -6.31 -5.71 -33.30
CA GLU B 284 -6.11 -4.31 -33.72
C GLU B 284 -7.51 -3.90 -34.12
N PRO B 285 -7.86 -2.62 -33.97
CA PRO B 285 -9.21 -2.20 -34.35
C PRO B 285 -9.47 -2.48 -35.82
N GLY B 286 -10.70 -2.22 -36.26
CA GLY B 286 -11.05 -2.46 -37.64
C GLY B 286 -12.53 -2.27 -37.87
N PRO B 287 -12.97 -2.14 -39.12
CA PRO B 287 -14.37 -1.94 -39.48
C PRO B 287 -15.23 -3.15 -39.08
N GLY B 288 -16.34 -2.88 -38.41
CA GLY B 288 -17.23 -3.95 -37.98
C GLY B 288 -16.78 -4.71 -36.74
N LEU B 289 -15.75 -4.19 -36.07
CA LEU B 289 -15.23 -4.82 -34.86
C LEU B 289 -15.50 -3.91 -33.67
N VAL B 290 -16.03 -4.50 -32.60
CA VAL B 290 -16.30 -3.77 -31.37
C VAL B 290 -15.35 -4.27 -30.29
N PRO B 291 -15.01 -3.41 -29.31
CA PRO B 291 -14.11 -3.85 -28.24
C PRO B 291 -14.81 -4.79 -27.26
N VAL B 292 -14.07 -5.76 -26.73
CA VAL B 292 -14.59 -6.66 -25.73
C VAL B 292 -14.51 -5.83 -24.44
N LEU B 293 -15.66 -5.44 -23.92
CA LEU B 293 -15.73 -4.60 -22.74
C LEU B 293 -15.27 -5.26 -21.42
N THR B 294 -14.75 -4.46 -20.51
CA THR B 294 -14.31 -4.96 -19.21
C THR B 294 -14.91 -4.05 -18.14
N GLY B 295 -14.52 -4.31 -16.90
CA GLY B 295 -15.02 -3.52 -15.78
C GLY B 295 -14.72 -2.04 -15.83
N ARG B 296 -13.65 -1.64 -16.52
CA ARG B 296 -13.32 -0.22 -16.62
C ARG B 296 -14.24 0.54 -17.58
N ASN B 297 -15.07 -0.19 -18.32
CA ASN B 297 -16.01 0.41 -19.26
C ASN B 297 -17.34 0.69 -18.54
N LEU B 298 -17.54 0.00 -17.41
CA LEU B 298 -18.74 0.12 -16.62
C LEU B 298 -18.65 1.25 -15.64
N LYS B 299 -19.57 2.20 -15.78
CA LYS B 299 -19.64 3.33 -14.88
C LYS B 299 -20.98 3.26 -14.16
N PRO B 300 -21.10 3.96 -13.03
CA PRO B 300 -22.38 3.92 -12.33
C PRO B 300 -23.45 4.62 -13.14
N GLY B 301 -24.33 3.86 -13.76
CA GLY B 301 -25.39 4.47 -14.52
C GLY B 301 -25.19 4.44 -16.01
N TRP B 302 -23.99 4.08 -16.46
CA TRP B 302 -23.73 4.02 -17.89
C TRP B 302 -22.50 3.22 -18.27
N VAL B 303 -22.39 2.90 -19.56
CA VAL B 303 -21.29 2.13 -20.13
C VAL B 303 -20.45 2.97 -21.11
N ASP B 304 -19.14 2.89 -20.99
CA ASP B 304 -18.25 3.60 -21.88
C ASP B 304 -17.87 2.63 -22.99
N TYR B 305 -18.54 2.75 -24.12
CA TYR B 305 -18.30 1.87 -25.27
C TYR B 305 -17.10 2.33 -26.11
N GLU B 306 -16.50 3.46 -25.74
CA GLU B 306 -15.35 4.01 -26.46
C GLU B 306 -14.02 3.31 -26.20
N LYS B 307 -13.55 3.40 -24.97
CA LYS B 307 -12.27 2.82 -24.58
C LYS B 307 -12.17 1.30 -24.60
N ASN B 308 -11.06 0.80 -25.10
CA ASN B 308 -10.79 -0.64 -25.12
C ASN B 308 -9.76 -0.83 -24.01
N HIS B 309 -10.05 -1.73 -23.08
CA HIS B 309 -9.15 -2.01 -21.96
C HIS B 309 -8.73 -3.48 -21.95
N SER B 310 -9.17 -4.23 -22.96
CA SER B 310 -8.86 -5.65 -23.07
C SER B 310 -7.84 -5.96 -24.15
N GLY B 311 -7.85 -5.16 -25.21
CA GLY B 311 -6.93 -5.36 -26.31
C GLY B 311 -7.41 -6.44 -27.26
N LEU B 312 -8.71 -6.75 -27.19
CA LEU B 312 -9.33 -7.74 -28.07
C LEU B 312 -10.50 -7.05 -28.74
N TRP B 313 -10.80 -7.45 -29.96
CA TRP B 313 -11.91 -6.86 -30.71
C TRP B 313 -12.56 -7.99 -31.46
N MET B 314 -13.82 -7.82 -31.85
CA MET B 314 -14.52 -8.87 -32.57
C MET B 314 -15.82 -8.31 -33.13
N PRO B 315 -16.37 -8.96 -34.17
CA PRO B 315 -17.62 -8.47 -34.75
C PRO B 315 -18.76 -8.72 -33.76
N LYS B 316 -19.46 -7.65 -33.37
CA LYS B 316 -20.55 -7.70 -32.42
C LYS B 316 -21.49 -8.88 -32.61
N GLU B 317 -21.94 -9.08 -33.84
CA GLU B 317 -22.87 -10.15 -34.16
C GLU B 317 -22.40 -11.59 -33.87
N ARG B 318 -21.10 -11.82 -33.77
CA ARG B 318 -20.60 -13.16 -33.50
C ARG B 318 -20.40 -13.42 -32.01
N ALA B 319 -20.72 -12.41 -31.20
CA ALA B 319 -20.59 -12.52 -29.74
C ALA B 319 -21.50 -13.59 -29.18
N LYS B 320 -22.74 -13.64 -29.68
CA LYS B 320 -23.71 -14.62 -29.21
C LYS B 320 -23.21 -16.05 -29.35
N GLU B 321 -22.16 -16.24 -30.14
CA GLU B 321 -21.58 -17.57 -30.33
C GLU B 321 -20.78 -17.99 -29.10
N LEU B 322 -20.42 -17.03 -28.26
CA LEU B 322 -19.68 -17.29 -27.03
C LEU B 322 -20.66 -17.47 -25.87
N ARG B 323 -21.61 -16.55 -25.78
CA ARG B 323 -22.66 -16.58 -24.76
C ARG B 323 -23.88 -15.96 -25.43
N ASP B 324 -24.99 -16.71 -25.47
CA ASP B 324 -26.20 -16.21 -26.10
C ASP B 324 -26.69 -14.88 -25.57
N PHE B 325 -26.69 -14.71 -24.25
CA PHE B 325 -27.16 -13.46 -23.68
C PHE B 325 -26.36 -12.25 -24.14
N TYR B 326 -25.26 -12.46 -24.85
CA TYR B 326 -24.48 -11.33 -25.36
C TYR B 326 -25.28 -10.60 -26.42
N ALA B 327 -26.21 -11.31 -27.04
CA ALA B 327 -27.06 -10.74 -28.09
C ALA B 327 -28.30 -9.98 -27.57
N THR B 328 -28.50 -9.97 -26.26
CA THR B 328 -29.66 -9.32 -25.65
C THR B 328 -29.30 -8.19 -24.69
N PRO B 329 -29.85 -6.99 -24.89
CA PRO B 329 -29.54 -5.87 -23.98
C PRO B 329 -29.95 -6.29 -22.58
N HIS B 330 -29.04 -6.12 -21.63
CA HIS B 330 -29.31 -6.53 -20.25
C HIS B 330 -28.60 -5.69 -19.20
N LEU B 331 -28.88 -6.01 -17.94
CA LEU B 331 -28.33 -5.33 -16.78
C LEU B 331 -26.95 -5.87 -16.43
N VAL B 332 -26.03 -4.98 -16.08
CA VAL B 332 -24.66 -5.37 -15.70
C VAL B 332 -24.30 -4.79 -14.32
N VAL B 333 -23.90 -5.66 -13.40
CA VAL B 333 -23.48 -5.27 -12.04
C VAL B 333 -22.04 -5.72 -11.88
N ALA B 334 -21.22 -4.86 -11.29
CA ALA B 334 -19.80 -5.16 -11.12
C ALA B 334 -19.40 -5.96 -9.90
N HIS B 335 -18.35 -6.77 -10.04
CA HIS B 335 -17.80 -7.53 -8.92
C HIS B 335 -16.32 -7.11 -8.75
N THR B 336 -15.80 -6.30 -9.67
CA THR B 336 -14.41 -5.87 -9.60
C THR B 336 -14.22 -4.53 -8.92
N LYS B 337 -15.32 -3.87 -8.56
CA LYS B 337 -15.25 -2.54 -7.95
C LYS B 337 -15.45 -2.48 -6.44
N GLY B 338 -15.13 -3.57 -5.74
CA GLY B 338 -15.28 -3.56 -4.31
C GLY B 338 -16.64 -3.94 -3.79
N THR B 339 -16.88 -3.63 -2.52
CA THR B 339 -18.15 -3.93 -1.89
C THR B 339 -19.07 -2.73 -2.05
N ARG B 340 -19.53 -2.53 -3.28
CA ARG B 340 -20.45 -1.44 -3.62
C ARG B 340 -21.21 -1.87 -4.87
N VAL B 341 -22.40 -1.31 -5.06
CA VAL B 341 -23.21 -1.68 -6.20
C VAL B 341 -23.10 -0.66 -7.33
N VAL B 342 -22.49 -1.06 -8.44
CA VAL B 342 -22.32 -0.23 -9.61
C VAL B 342 -23.08 -0.96 -10.71
N ALA B 343 -24.17 -0.37 -11.20
CA ALA B 343 -24.98 -1.00 -12.23
C ALA B 343 -25.25 -0.13 -13.47
N ALA B 344 -25.43 -0.79 -14.60
CA ALA B 344 -25.72 -0.13 -15.87
C ALA B 344 -26.42 -1.11 -16.81
N TRP B 345 -27.23 -0.57 -17.71
CA TRP B 345 -27.98 -1.36 -18.68
C TRP B 345 -27.21 -1.36 -19.99
N ASP B 346 -26.83 -2.53 -20.47
CA ASP B 346 -26.10 -2.62 -21.72
C ASP B 346 -27.11 -2.54 -22.87
N GLU B 347 -27.49 -1.31 -23.23
CA GLU B 347 -28.46 -1.08 -24.30
C GLU B 347 -28.08 -1.52 -25.70
N ARG B 348 -26.79 -1.65 -25.98
CA ARG B 348 -26.32 -2.06 -27.30
C ARG B 348 -25.97 -3.52 -27.41
N ALA B 349 -25.82 -4.19 -26.26
CA ALA B 349 -25.47 -5.61 -26.19
C ALA B 349 -24.09 -5.95 -26.78
N TYR B 350 -23.03 -5.53 -26.08
CA TYR B 350 -21.66 -5.78 -26.51
C TYR B 350 -21.10 -6.99 -25.78
N PRO B 351 -19.97 -7.53 -26.25
CA PRO B 351 -19.37 -8.68 -25.57
C PRO B 351 -18.61 -8.18 -24.33
N TRP B 352 -18.67 -8.96 -23.24
CA TRP B 352 -18.00 -8.59 -21.99
C TRP B 352 -17.08 -9.70 -21.62
N ARG B 353 -16.03 -9.34 -20.90
CA ARG B 353 -15.03 -10.30 -20.45
C ARG B 353 -15.18 -10.58 -18.95
N GLU B 354 -16.04 -9.82 -18.27
CA GLU B 354 -16.23 -10.00 -16.83
C GLU B 354 -17.52 -9.35 -16.32
N GLU B 355 -17.66 -9.34 -15.00
CA GLU B 355 -18.81 -8.79 -14.28
C GLU B 355 -20.01 -9.73 -14.28
N PHE B 356 -21.04 -9.37 -13.52
CA PHE B 356 -22.28 -10.15 -13.39
C PHE B 356 -23.28 -9.73 -14.44
N HIS B 357 -23.92 -10.70 -15.09
CA HIS B 357 -24.89 -10.38 -16.14
C HIS B 357 -26.26 -10.93 -15.78
N LEU B 358 -27.21 -10.03 -15.59
CA LEU B 358 -28.56 -10.40 -15.20
C LEU B 358 -29.59 -10.43 -16.32
N LEU B 359 -30.19 -11.59 -16.51
CA LEU B 359 -31.23 -11.79 -17.51
C LEU B 359 -32.50 -12.07 -16.71
N PRO B 360 -33.58 -11.29 -16.95
CA PRO B 360 -34.84 -11.49 -16.22
C PRO B 360 -35.51 -12.85 -16.42
N LYS B 361 -36.12 -13.36 -15.36
CA LYS B 361 -36.81 -14.64 -15.42
C LYS B 361 -38.13 -14.43 -16.17
N GLU B 362 -38.68 -15.48 -16.75
CA GLU B 362 -39.92 -15.32 -17.50
C GLU B 362 -41.11 -14.86 -16.69
N GLY B 363 -41.83 -13.90 -17.26
CA GLY B 363 -43.00 -13.36 -16.59
C GLY B 363 -42.62 -12.12 -15.81
N VAL B 364 -41.33 -11.85 -15.70
CA VAL B 364 -40.87 -10.69 -14.97
C VAL B 364 -40.82 -9.49 -15.88
N ARG B 365 -41.50 -8.42 -15.46
CA ARG B 365 -41.50 -7.18 -16.21
C ARG B 365 -40.92 -6.10 -15.30
N LEU B 366 -39.94 -5.37 -15.82
CA LEU B 366 -39.26 -4.35 -15.04
C LEU B 366 -39.05 -3.04 -15.79
N ASP B 367 -38.75 -1.99 -15.02
CA ASP B 367 -38.46 -0.68 -15.59
C ASP B 367 -36.96 -0.43 -15.37
N PRO B 368 -36.14 -0.71 -16.39
CA PRO B 368 -34.69 -0.56 -16.42
C PRO B 368 -34.13 0.72 -15.84
N SER B 369 -34.62 1.85 -16.33
CA SER B 369 -34.16 3.16 -15.89
C SER B 369 -34.25 3.34 -14.37
N THR B 370 -35.37 2.96 -13.78
CA THR B 370 -35.54 3.12 -12.33
C THR B 370 -34.89 2.00 -11.54
N LEU B 371 -34.83 0.81 -12.12
CA LEU B 371 -34.17 -0.29 -11.44
C LEU B 371 -32.70 0.15 -11.26
N VAL B 372 -32.10 0.60 -12.36
CA VAL B 372 -30.71 1.07 -12.36
C VAL B 372 -30.49 2.19 -11.34
N GLN B 373 -31.33 3.23 -11.38
CA GLN B 373 -31.22 4.35 -10.44
C GLN B 373 -31.22 3.86 -9.00
N TRP B 374 -32.07 2.89 -8.72
CA TRP B 374 -32.22 2.26 -7.40
C TRP B 374 -30.94 1.54 -6.96
N LEU B 375 -30.45 0.64 -7.80
CA LEU B 375 -29.25 -0.13 -7.52
C LEU B 375 -28.03 0.72 -7.21
N ASN B 376 -27.89 1.85 -7.92
CA ASN B 376 -26.75 2.74 -7.70
C ASN B 376 -27.00 3.78 -6.60
N SER B 377 -28.18 3.77 -5.99
CA SER B 377 -28.53 4.75 -4.96
C SER B 377 -27.65 4.76 -3.71
N GLU B 378 -27.64 5.91 -3.04
CA GLU B 378 -26.87 6.08 -1.83
C GLU B 378 -27.45 5.21 -0.72
N ALA B 379 -28.71 4.83 -0.87
CA ALA B 379 -29.38 3.97 0.10
C ALA B 379 -28.92 2.54 -0.08
N MET B 380 -28.73 2.12 -1.32
CA MET B 380 -28.29 0.77 -1.58
C MET B 380 -26.84 0.54 -1.12
N GLN B 381 -26.00 1.59 -1.22
CA GLN B 381 -24.59 1.48 -0.82
C GLN B 381 -24.45 1.35 0.71
N LYS B 382 -25.21 2.17 1.44
CA LYS B 382 -25.17 2.14 2.89
C LYS B 382 -25.66 0.78 3.39
N HIS B 383 -26.62 0.21 2.68
CA HIS B 383 -27.20 -1.09 3.02
C HIS B 383 -26.12 -2.17 2.94
N VAL B 384 -25.46 -2.26 1.78
CA VAL B 384 -24.40 -3.23 1.53
C VAL B 384 -23.18 -3.04 2.43
N ARG B 385 -22.89 -1.78 2.75
CA ARG B 385 -21.76 -1.42 3.60
C ARG B 385 -21.99 -1.82 5.05
N THR B 386 -23.21 -1.58 5.55
CA THR B 386 -23.60 -1.91 6.92
C THR B 386 -23.51 -3.42 7.17
N LEU B 387 -24.11 -4.18 6.28
CA LEU B 387 -24.17 -5.61 6.39
C LEU B 387 -22.85 -6.36 6.23
N TYR B 388 -22.10 -6.06 5.17
CA TYR B 388 -20.85 -6.79 4.89
C TYR B 388 -19.53 -6.08 5.11
N ARG B 389 -19.59 -4.84 5.58
CA ARG B 389 -18.38 -4.07 5.84
C ARG B 389 -17.27 -4.37 4.85
N ASP B 390 -16.09 -4.72 5.35
CA ASP B 390 -14.95 -5.04 4.50
C ASP B 390 -14.52 -6.51 4.65
N PHE B 391 -15.47 -7.40 4.91
CA PHE B 391 -15.16 -8.82 5.07
C PHE B 391 -14.39 -9.30 3.87
N VAL B 392 -14.93 -9.05 2.68
CA VAL B 392 -14.26 -9.47 1.44
C VAL B 392 -14.00 -8.24 0.57
N PRO B 393 -13.01 -8.33 -0.32
CA PRO B 393 -12.68 -7.22 -1.19
C PRO B 393 -13.60 -6.90 -2.38
N HIS B 394 -14.62 -7.72 -2.60
CA HIS B 394 -15.53 -7.47 -3.73
C HIS B 394 -16.92 -8.07 -3.52
N LEU B 395 -17.93 -7.49 -4.16
CA LEU B 395 -19.30 -7.98 -4.07
C LEU B 395 -19.33 -9.43 -4.56
N THR B 396 -20.02 -10.31 -3.84
CA THR B 396 -20.10 -11.72 -4.23
C THR B 396 -21.53 -12.10 -4.64
N LEU B 397 -21.65 -13.22 -5.35
CA LEU B 397 -22.95 -13.72 -5.82
C LEU B 397 -24.01 -13.77 -4.73
N ARG B 398 -23.64 -14.28 -3.56
CA ARG B 398 -24.57 -14.38 -2.44
C ARG B 398 -25.07 -13.03 -1.95
N MET B 399 -24.22 -12.02 -1.96
CA MET B 399 -24.61 -10.68 -1.54
C MET B 399 -25.56 -10.08 -2.59
N LEU B 400 -25.20 -10.25 -3.85
CA LEU B 400 -25.96 -9.73 -4.97
C LEU B 400 -27.39 -10.25 -5.03
N GLU B 401 -27.57 -11.57 -4.99
CA GLU B 401 -28.91 -12.15 -5.08
C GLU B 401 -29.94 -11.82 -3.99
N ARG B 402 -29.50 -11.20 -2.90
CA ARG B 402 -30.40 -10.84 -1.83
C ARG B 402 -30.69 -9.36 -1.82
N LEU B 403 -30.09 -8.62 -2.73
CA LEU B 403 -30.37 -7.20 -2.76
C LEU B 403 -31.87 -7.04 -3.03
N PRO B 404 -32.54 -6.20 -2.24
CA PRO B 404 -33.97 -5.97 -2.40
C PRO B 404 -34.36 -5.01 -3.52
N VAL B 405 -35.25 -5.47 -4.40
CA VAL B 405 -35.74 -4.67 -5.50
C VAL B 405 -37.09 -4.17 -5.03
N ARG B 406 -37.15 -2.87 -4.82
CA ARG B 406 -38.36 -2.21 -4.36
C ARG B 406 -39.50 -2.45 -5.36
N ARG B 407 -40.58 -3.02 -4.85
CA ARG B 407 -41.79 -3.37 -5.59
C ARG B 407 -42.17 -2.72 -6.92
N GLU B 408 -42.07 -1.39 -7.03
CA GLU B 408 -42.46 -0.71 -8.26
C GLU B 408 -41.44 -0.64 -9.40
N TYR B 409 -40.31 -1.33 -9.25
CA TYR B 409 -39.28 -1.33 -10.29
C TYR B 409 -39.36 -2.59 -11.15
N GLY B 410 -39.73 -3.71 -10.53
CA GLY B 410 -39.84 -4.98 -11.24
C GLY B 410 -40.69 -5.96 -10.46
N PHE B 411 -41.53 -6.71 -11.17
CA PHE B 411 -42.43 -7.67 -10.54
C PHE B 411 -42.67 -8.87 -11.45
N HIS B 412 -43.06 -9.98 -10.86
CA HIS B 412 -43.32 -11.19 -11.62
C HIS B 412 -44.82 -11.28 -11.91
N THR B 413 -45.16 -11.39 -13.19
CA THR B 413 -46.55 -11.50 -13.63
C THR B 413 -46.86 -12.89 -14.17
#